data_9AXH
#
_entry.id   9AXH
#
_cell.length_a   249.870
_cell.length_b   67.080
_cell.length_c   74.400
_cell.angle_alpha   90.000
_cell.angle_beta   90.250
_cell.angle_gamma   90.000
#
_symmetry.space_group_name_H-M   'C 1 2 1'
#
loop_
_entity.id
_entity.type
_entity.pdbx_description
1 polymer 'Dual specificity mitogen-activated protein kinase kinase 1'
2 polymer 'Kinase suppressor of Ras 1'
3 non-polymer "N-[3-fluoro-4-({7-[(3-fluoropyridin-2-yl)oxy]-4-methyl-2-oxo-2H-1-benzopyran-3-yl}methyl)pyridin-2-yl]-N'-methylsulfuric diamide"
4 non-polymer 'PHOSPHOAMINOPHOSPHONIC ACID-ADENYLATE ESTER'
5 non-polymer 'MAGNESIUM ION'
6 non-polymer 1,2-ETHANEDIOL
7 non-polymer 'CHLORIDE ION'
8 water water
#
loop_
_entity_poly.entity_id
_entity_poly.type
_entity_poly.pdbx_seq_one_letter_code
_entity_poly.pdbx_strand_id
1 'polypeptide(L)'
;GLEELELDEQQRKRLEAFLTQKQKVGELKDDDFEKISELGAGNGGVVFKVSHKPSGLVMARKLIHLEIKPAIRNQIIREL
QVLHECNSPYIVGFYGAFYSDGEISICMEHMDGGSLDQVLKKAGRIPEQILGKVSIAVIKGLTYLREKHKIMHRDVKPSN
ILVNSRGEIKLCDFGVSGQLIDSMANSFVGTRSYMSPERLQGTHYSVQSDIWSMGLSLVEMAVGRYPIGSGSGSMAIFEL
LDYIVNEPPPKLPSGVFSLEFQDFVNKCLIKNPAERADLKQLMVHAFIKRSDAEEVDFAGWLCSTIGLNQ
;
A,B
2 'polypeptide(L)'
;GVYLQEWDIPFEQVELGEPIGQGRWGRVHRGRWHGEVAIRLLEMDGHNQDHLKLFKKEVMNYRQTRHENVVLFMGACMNP
PHLAIITSFCKGRTLHSFVRDPKTSLDINKTRQIAQEIIKGMGYLHAKGIVHKDLKSKNVFYDNGKVVITDFGLFGISGV
VREGRRENQLKLSHDWLCYLAPEIVREMTPGKDEDQLPFSKAADVYAFGTVWYELQARDWPLKNQAAEASIWQIGSGEGM
KRVLTSVSLGKEVSEILSACWAFDLQERPSFSLLMDMLEKLPK
;
C,D
#
# COMPACT_ATOMS: atom_id res chain seq x y z
N GLU A 4 29.90 28.81 -63.55
CA GLU A 4 29.13 29.03 -62.33
C GLU A 4 29.87 28.50 -61.12
N LEU A 5 29.47 28.97 -59.95
CA LEU A 5 30.01 28.56 -58.65
C LEU A 5 31.48 28.91 -58.47
N GLU A 6 32.04 29.78 -59.32
CA GLU A 6 33.42 30.23 -59.18
C GLU A 6 33.44 31.64 -58.59
N LEU A 7 34.63 32.07 -58.17
CA LEU A 7 34.77 33.21 -57.28
C LEU A 7 34.98 34.51 -58.03
N ASP A 8 34.25 35.54 -57.60
CA ASP A 8 34.52 36.91 -58.01
C ASP A 8 35.85 37.38 -57.39
N GLU A 9 36.45 38.39 -58.03
CA GLU A 9 37.73 38.89 -57.53
C GLU A 9 37.57 39.56 -56.17
N GLN A 10 36.53 40.39 -56.01
CA GLN A 10 36.27 41.00 -54.71
C GLN A 10 35.92 39.92 -53.68
N GLN A 11 35.20 38.89 -54.10
CA GLN A 11 34.85 37.81 -53.18
C GLN A 11 36.09 37.01 -52.78
N ARG A 12 36.93 36.66 -53.77
CA ARG A 12 38.10 35.84 -53.48
C ARG A 12 39.07 36.53 -52.53
N LYS A 13 39.20 37.85 -52.67
CA LYS A 13 40.08 38.59 -51.76
C LYS A 13 39.45 38.71 -50.38
N ARG A 14 38.13 38.90 -50.32
CA ARG A 14 37.45 38.95 -49.04
C ARG A 14 37.50 37.59 -48.34
N LEU A 15 37.34 36.52 -49.10
CA LEU A 15 37.49 35.18 -48.54
C LEU A 15 38.93 34.93 -48.13
N GLU A 16 39.90 35.36 -48.96
CA GLU A 16 41.30 35.20 -48.60
C GLU A 16 41.65 36.04 -47.37
N ALA A 17 41.04 37.22 -47.26
CA ALA A 17 41.25 38.07 -46.09
C ALA A 17 40.71 37.41 -44.83
N PHE A 18 39.50 36.84 -44.93
CA PHE A 18 38.91 36.16 -43.77
C PHE A 18 39.76 34.98 -43.34
N LEU A 19 40.33 34.24 -44.30
CA LEU A 19 41.13 33.06 -43.99
C LEU A 19 42.43 33.45 -43.27
N THR A 20 43.13 34.48 -43.79
CA THR A 20 44.33 34.95 -43.11
C THR A 20 43.99 35.56 -41.76
N GLN A 21 42.80 36.16 -41.63
CA GLN A 21 42.35 36.60 -40.33
C GLN A 21 42.01 35.42 -39.44
N LYS A 22 41.41 34.36 -40.02
CA LYS A 22 41.09 33.16 -39.26
C LYS A 22 42.34 32.44 -38.81
N GLN A 23 43.46 32.68 -39.51
CA GLN A 23 44.72 32.04 -39.16
C GLN A 23 45.32 32.64 -37.91
N LYS A 24 44.59 33.52 -37.21
CA LYS A 24 45.12 34.23 -36.05
C LYS A 24 44.31 34.00 -34.78
N VAL A 25 43.36 33.07 -34.79
CA VAL A 25 42.52 32.92 -33.61
C VAL A 25 43.10 31.87 -32.66
N GLY A 26 43.31 30.65 -33.15
CA GLY A 26 43.80 29.56 -32.33
C GLY A 26 42.71 28.79 -31.61
N GLU A 27 43.07 28.18 -30.48
CA GLU A 27 42.12 27.41 -29.69
C GLU A 27 41.23 28.34 -28.88
N LEU A 28 39.93 28.09 -28.94
CA LEU A 28 38.93 28.96 -28.32
C LEU A 28 38.52 28.43 -26.96
N LYS A 29 38.64 29.26 -25.93
CA LYS A 29 38.20 28.95 -24.59
C LYS A 29 37.14 29.96 -24.16
N ASP A 30 36.38 29.59 -23.12
CA ASP A 30 35.33 30.49 -22.63
C ASP A 30 35.92 31.76 -22.02
N ASP A 31 37.10 31.66 -21.40
CA ASP A 31 37.70 32.84 -20.77
C ASP A 31 38.12 33.87 -21.82
N ASP A 32 38.42 33.42 -23.03
CA ASP A 32 38.87 34.31 -24.10
C ASP A 32 37.77 35.17 -24.67
N PHE A 33 36.53 35.17 -24.14
CA PHE A 33 35.42 35.88 -24.75
C PHE A 33 34.78 36.83 -23.76
N GLU A 34 34.52 38.06 -24.20
CA GLU A 34 33.78 39.06 -23.45
C GLU A 34 32.47 39.32 -24.19
N LYS A 35 31.35 39.16 -23.50
CA LYS A 35 30.05 39.28 -24.14
C LYS A 35 29.72 40.75 -24.42
N ILE A 36 29.23 41.02 -25.64
CA ILE A 36 28.86 42.37 -26.00
C ILE A 36 27.35 42.53 -25.88
N SER A 37 26.60 41.71 -26.60
CA SER A 37 25.14 41.77 -26.54
C SER A 37 24.56 40.42 -26.92
N GLU A 38 23.25 40.30 -26.73
CA GLU A 38 22.50 39.11 -27.12
C GLU A 38 21.76 39.40 -28.41
N LEU A 39 22.00 38.56 -29.42
CA LEU A 39 21.41 38.75 -30.73
C LEU A 39 20.07 38.05 -30.88
N GLY A 40 19.77 37.08 -30.05
CA GLY A 40 18.50 36.38 -30.11
C GLY A 40 18.65 34.95 -29.63
N ALA A 41 17.56 34.20 -29.80
CA ALA A 41 17.51 32.80 -29.36
C ALA A 41 16.54 32.04 -30.26
N GLY A 42 16.58 30.71 -30.14
CA GLY A 42 15.68 29.87 -30.90
C GLY A 42 16.18 28.45 -31.11
N ASN A 43 15.28 27.48 -30.96
CA ASN A 43 15.58 26.05 -31.14
C ASN A 43 16.74 25.60 -30.25
N GLY A 44 16.58 25.84 -28.95
CA GLY A 44 17.58 25.42 -28.00
C GLY A 44 18.91 26.11 -28.09
N GLY A 45 18.99 27.23 -28.82
CA GLY A 45 20.24 27.95 -28.93
C GLY A 45 20.07 29.45 -28.81
N VAL A 46 20.91 30.08 -27.98
CA VAL A 46 20.97 31.54 -27.87
C VAL A 46 22.28 32.00 -28.50
N VAL A 47 22.23 33.18 -29.14
CA VAL A 47 23.35 33.69 -29.91
C VAL A 47 23.73 35.07 -29.36
N PHE A 48 25.01 35.23 -29.04
CA PHE A 48 25.55 36.48 -28.51
C PHE A 48 26.54 37.09 -29.49
N LYS A 49 26.53 38.40 -29.60
CA LYS A 49 27.66 39.11 -30.16
C LYS A 49 28.73 39.24 -29.09
N VAL A 50 29.92 38.70 -29.36
CA VAL A 50 30.98 38.66 -28.38
C VAL A 50 32.27 39.15 -29.02
N SER A 51 33.32 39.23 -28.21
CA SER A 51 34.61 39.70 -28.69
C SER A 51 35.69 38.76 -28.16
N HIS A 52 36.50 38.22 -29.06
CA HIS A 52 37.65 37.44 -28.66
C HIS A 52 38.68 38.36 -28.01
N LYS A 53 39.44 37.81 -27.08
CA LYS A 53 40.44 38.62 -26.38
C LYS A 53 41.83 38.40 -26.97
N PRO A 54 42.25 37.15 -27.27
CA PRO A 54 43.53 36.98 -28.00
C PRO A 54 43.62 37.80 -29.27
N SER A 55 42.62 37.71 -30.15
CA SER A 55 42.48 38.58 -31.30
C SER A 55 41.49 39.68 -30.98
N GLY A 56 41.45 40.70 -31.84
CA GLY A 56 40.42 41.70 -31.70
C GLY A 56 39.10 41.37 -32.38
N LEU A 57 38.87 40.12 -32.75
CA LEU A 57 37.78 39.78 -33.65
C LEU A 57 36.43 39.77 -32.94
N VAL A 58 35.45 40.45 -33.51
CA VAL A 58 34.07 40.34 -33.06
C VAL A 58 33.47 39.08 -33.68
N MET A 59 32.99 38.18 -32.83
CA MET A 59 32.41 36.92 -33.30
C MET A 59 30.97 36.80 -32.83
N ALA A 60 30.23 35.93 -33.52
CA ALA A 60 28.90 35.52 -33.10
C ALA A 60 29.03 34.16 -32.44
N ARG A 61 28.60 34.06 -31.19
CA ARG A 61 28.77 32.86 -30.39
C ARG A 61 27.41 32.23 -30.13
N LYS A 62 27.16 31.08 -30.74
CA LYS A 62 25.95 30.32 -30.49
C LYS A 62 26.21 29.31 -29.37
N LEU A 63 25.29 29.25 -28.41
CA LEU A 63 25.38 28.33 -27.29
C LEU A 63 24.19 27.38 -27.33
N ILE A 64 24.48 26.08 -27.41
CA ILE A 64 23.46 25.04 -27.50
C ILE A 64 23.51 24.21 -26.22
N HIS A 65 22.42 24.22 -25.46
CA HIS A 65 22.34 23.43 -24.24
C HIS A 65 21.99 21.99 -24.60
N LEU A 66 22.86 21.05 -24.25
CA LEU A 66 22.65 19.64 -24.57
C LEU A 66 23.06 18.79 -23.38
N GLU A 67 22.10 18.03 -22.84
CA GLU A 67 22.37 17.07 -21.77
C GLU A 67 22.69 15.74 -22.44
N ILE A 68 23.96 15.53 -22.77
CA ILE A 68 24.42 14.35 -23.48
C ILE A 68 25.74 13.88 -22.89
N LYS A 69 26.09 12.63 -23.18
CA LYS A 69 27.36 12.08 -22.71
C LYS A 69 28.52 12.82 -23.36
N PRO A 70 29.65 12.95 -22.65
CA PRO A 70 30.82 13.63 -23.24
C PRO A 70 31.41 12.91 -24.44
N ALA A 71 31.15 11.61 -24.58
CA ALA A 71 31.65 10.89 -25.75
C ALA A 71 31.03 11.41 -27.03
N ILE A 72 29.70 11.54 -27.05
CA ILE A 72 29.02 12.09 -28.22
C ILE A 72 29.17 13.60 -28.28
N ARG A 73 29.46 14.26 -27.15
CA ARG A 73 29.77 15.68 -27.17
C ARG A 73 31.06 15.96 -27.93
N ASN A 74 32.08 15.12 -27.72
CA ASN A 74 33.32 15.26 -28.49
C ASN A 74 33.10 14.88 -29.95
N GLN A 75 32.17 13.96 -30.23
CA GLN A 75 31.85 13.64 -31.62
C GLN A 75 31.19 14.83 -32.32
N ILE A 76 30.38 15.60 -31.59
CA ILE A 76 29.80 16.80 -32.17
C ILE A 76 30.89 17.81 -32.49
N ILE A 77 31.80 18.05 -31.54
CA ILE A 77 32.87 19.01 -31.77
C ILE A 77 33.77 18.56 -32.91
N ARG A 78 34.03 17.25 -33.00
CA ARG A 78 34.86 16.75 -34.08
C ARG A 78 34.17 16.92 -35.43
N GLU A 79 32.87 16.65 -35.50
CA GLU A 79 32.16 16.75 -36.77
C GLU A 79 31.97 18.19 -37.21
N LEU A 80 31.93 19.13 -36.26
CA LEU A 80 31.82 20.56 -36.61
C LEU A 80 33.11 21.10 -37.22
N GLN A 81 34.23 20.40 -37.05
CA GLN A 81 35.49 20.85 -37.66
C GLN A 81 35.41 20.87 -39.17
N VAL A 82 34.44 20.16 -39.76
CA VAL A 82 34.26 20.20 -41.20
C VAL A 82 33.96 21.62 -41.66
N LEU A 83 33.39 22.45 -40.77
CA LEU A 83 33.09 23.83 -41.14
C LEU A 83 34.35 24.60 -41.53
N HIS A 84 35.52 24.21 -41.03
CA HIS A 84 36.77 24.83 -41.44
C HIS A 84 37.01 24.70 -42.94
N GLU A 85 36.38 23.72 -43.59
CA GLU A 85 36.51 23.53 -45.03
C GLU A 85 35.34 24.13 -45.80
N CYS A 86 34.38 24.77 -45.12
CA CYS A 86 33.22 25.37 -45.79
C CYS A 86 33.50 26.84 -46.02
N ASN A 87 34.25 27.12 -47.08
CA ASN A 87 34.69 28.47 -47.40
C ASN A 87 33.97 28.92 -48.65
N SER A 88 33.00 29.83 -48.48
CA SER A 88 32.17 30.30 -49.59
C SER A 88 31.66 31.69 -49.25
N PRO A 89 31.46 32.56 -50.25
CA PRO A 89 30.84 33.86 -49.98
C PRO A 89 29.38 33.75 -49.56
N TYR A 90 28.76 32.60 -49.74
CA TYR A 90 27.37 32.38 -49.39
C TYR A 90 27.22 31.46 -48.19
N ILE A 91 28.30 31.26 -47.43
CA ILE A 91 28.27 30.47 -46.20
C ILE A 91 28.95 31.28 -45.10
N VAL A 92 28.32 31.31 -43.93
CA VAL A 92 28.89 32.01 -42.79
C VAL A 92 30.18 31.35 -42.36
N GLY A 93 31.20 32.17 -42.09
CA GLY A 93 32.48 31.64 -41.65
C GLY A 93 32.42 31.02 -40.27
N PHE A 94 33.38 30.13 -40.02
CA PHE A 94 33.47 29.37 -38.78
C PHE A 94 34.82 29.65 -38.12
N TYR A 95 34.80 30.02 -36.83
CA TYR A 95 36.02 30.24 -36.07
C TYR A 95 36.42 29.04 -35.22
N GLY A 96 35.47 28.42 -34.53
CA GLY A 96 35.79 27.27 -33.70
C GLY A 96 34.58 26.82 -32.91
N ALA A 97 34.76 25.71 -32.20
CA ALA A 97 33.68 25.14 -31.39
C ALA A 97 34.28 24.40 -30.21
N PHE A 98 33.65 24.57 -29.04
CA PHE A 98 34.11 23.94 -27.81
C PHE A 98 32.91 23.71 -26.90
N TYR A 99 33.15 23.02 -25.78
CA TYR A 99 32.13 22.72 -24.79
C TYR A 99 32.48 23.39 -23.46
N SER A 100 31.47 23.88 -22.77
CA SER A 100 31.65 24.65 -21.54
C SER A 100 30.38 24.60 -20.71
N ASP A 101 30.49 24.09 -19.48
CA ASP A 101 29.42 24.13 -18.50
C ASP A 101 28.11 23.62 -19.10
N GLY A 102 28.18 22.43 -19.69
CA GLY A 102 27.02 21.76 -20.25
C GLY A 102 26.50 22.34 -21.55
N GLU A 103 27.12 23.37 -22.09
CA GLU A 103 26.68 23.99 -23.32
C GLU A 103 27.78 23.88 -24.37
N ILE A 104 27.38 23.64 -25.61
CA ILE A 104 28.30 23.59 -26.74
C ILE A 104 28.31 24.94 -27.43
N SER A 105 29.49 25.54 -27.55
CA SER A 105 29.66 26.85 -28.17
C SER A 105 30.08 26.71 -29.62
N ILE A 106 29.46 27.52 -30.48
CA ILE A 106 29.81 27.57 -31.89
C ILE A 106 30.12 29.02 -32.21
N CYS A 107 31.41 29.32 -32.39
CA CYS A 107 31.82 30.69 -32.68
C CYS A 107 31.96 30.85 -34.19
N MET A 108 31.25 31.84 -34.74
CA MET A 108 31.15 32.02 -36.18
C MET A 108 31.24 33.50 -36.54
N GLU A 109 31.24 33.76 -37.85
CA GLU A 109 31.33 35.12 -38.37
C GLU A 109 30.11 35.92 -37.97
N HIS A 110 30.32 37.15 -37.47
CA HIS A 110 29.20 37.99 -37.10
C HIS A 110 28.65 38.69 -38.35
N MET A 111 27.35 38.58 -38.57
CA MET A 111 26.66 39.26 -39.66
C MET A 111 25.85 40.41 -39.04
N ASP A 112 26.39 41.63 -39.12
CA ASP A 112 25.75 42.77 -38.46
C ASP A 112 24.37 43.09 -39.01
N GLY A 113 24.00 42.54 -40.17
CA GLY A 113 22.67 42.75 -40.70
C GLY A 113 21.63 41.83 -40.14
N GLY A 114 22.05 40.76 -39.46
CA GLY A 114 21.12 39.84 -38.85
C GLY A 114 20.56 38.88 -39.88
N SER A 115 19.37 38.35 -39.58
CA SER A 115 18.69 37.42 -40.46
C SER A 115 17.60 38.15 -41.25
N LEU A 116 17.25 37.57 -42.41
CA LEU A 116 16.15 38.12 -43.19
C LEU A 116 14.84 38.04 -42.43
N ASP A 117 14.73 37.07 -41.50
CA ASP A 117 13.58 37.05 -40.62
C ASP A 117 13.49 38.34 -39.81
N GLN A 118 14.62 38.81 -39.28
CA GLN A 118 14.61 40.06 -38.53
C GLN A 118 14.43 41.25 -39.47
N VAL A 119 15.01 41.20 -40.66
CA VAL A 119 14.86 42.30 -41.61
C VAL A 119 13.41 42.43 -42.03
N LEU A 120 12.76 41.30 -42.30
CA LEU A 120 11.35 41.30 -42.68
C LEU A 120 10.47 41.94 -41.60
N LYS A 121 10.77 41.68 -40.33
CA LYS A 121 9.99 42.27 -39.25
C LYS A 121 10.08 43.79 -39.27
N LYS A 122 11.25 44.34 -39.64
CA LYS A 122 11.42 45.79 -39.71
C LYS A 122 11.08 46.35 -41.08
N ALA A 123 11.28 45.57 -42.15
CA ALA A 123 10.97 46.02 -43.50
C ALA A 123 9.51 45.84 -43.87
N GLY A 124 8.74 45.09 -43.09
CA GLY A 124 7.38 44.76 -43.48
C GLY A 124 7.38 43.71 -44.57
N ARG A 125 7.92 44.08 -45.74
CA ARG A 125 8.13 43.14 -46.84
C ARG A 125 9.49 43.41 -47.45
N ILE A 126 9.96 42.48 -48.26
CA ILE A 126 11.19 42.63 -49.04
C ILE A 126 10.81 42.65 -50.51
N PRO A 127 11.22 43.66 -51.27
CA PRO A 127 10.80 43.75 -52.67
C PRO A 127 11.39 42.63 -53.51
N GLU A 128 10.86 42.51 -54.73
CA GLU A 128 11.18 41.35 -55.56
C GLU A 128 12.64 41.37 -56.02
N GLN A 129 13.13 42.53 -56.46
CA GLN A 129 14.49 42.63 -56.96
C GLN A 129 15.53 42.24 -55.92
N ILE A 130 15.21 42.39 -54.64
CA ILE A 130 16.15 42.00 -53.59
C ILE A 130 16.03 40.52 -53.27
N LEU A 131 14.80 39.99 -53.25
CA LEU A 131 14.63 38.55 -53.09
C LEU A 131 15.31 37.78 -54.21
N GLY A 132 15.46 38.40 -55.39
CA GLY A 132 16.23 37.76 -56.45
C GLY A 132 17.70 37.63 -56.09
N LYS A 133 18.27 38.67 -55.48
CA LYS A 133 19.64 38.58 -55.01
C LYS A 133 19.77 37.58 -53.88
N VAL A 134 18.75 37.47 -53.02
CA VAL A 134 18.76 36.44 -51.99
C VAL A 134 18.68 35.05 -52.63
N SER A 135 17.78 34.88 -53.60
CA SER A 135 17.59 33.57 -54.20
C SER A 135 18.88 33.05 -54.81
N ILE A 136 19.65 33.94 -55.44
CA ILE A 136 20.92 33.53 -56.03
C ILE A 136 21.84 32.95 -54.96
N ALA A 137 21.99 33.67 -53.85
CA ALA A 137 22.92 33.25 -52.81
C ALA A 137 22.49 31.93 -52.17
N VAL A 138 21.18 31.76 -51.94
CA VAL A 138 20.70 30.51 -51.37
C VAL A 138 21.00 29.35 -52.30
N ILE A 139 20.67 29.51 -53.58
CA ILE A 139 20.99 28.49 -54.58
C ILE A 139 22.49 28.25 -54.63
N LYS A 140 23.26 29.33 -54.67
CA LYS A 140 24.71 29.17 -54.77
C LYS A 140 25.27 28.55 -53.50
N GLY A 141 24.73 28.94 -52.34
CA GLY A 141 25.18 28.33 -51.09
C GLY A 141 24.76 26.88 -50.97
N LEU A 142 23.58 26.54 -51.48
CA LEU A 142 23.14 25.15 -51.44
C LEU A 142 23.97 24.29 -52.37
N THR A 143 24.23 24.78 -53.58
CA THR A 143 25.01 23.98 -54.52
C THR A 143 26.46 23.85 -54.06
N TYR A 144 26.96 24.82 -53.30
CA TYR A 144 28.31 24.70 -52.76
C TYR A 144 28.39 23.56 -51.74
N LEU A 145 27.39 23.46 -50.86
CA LEU A 145 27.40 22.37 -49.90
C LEU A 145 27.23 21.02 -50.58
N ARG A 146 26.42 20.97 -51.65
CA ARG A 146 26.21 19.70 -52.34
C ARG A 146 27.44 19.29 -53.13
N GLU A 147 28.01 20.24 -53.90
CA GLU A 147 29.15 19.94 -54.76
C GLU A 147 30.39 19.58 -53.93
N LYS A 148 30.76 20.45 -52.99
CA LYS A 148 32.06 20.38 -52.34
C LYS A 148 32.04 19.59 -51.04
N HIS A 149 30.88 19.36 -50.44
CA HIS A 149 30.80 18.68 -49.15
C HIS A 149 29.76 17.57 -49.10
N LYS A 150 28.96 17.39 -50.14
CA LYS A 150 27.99 16.30 -50.25
C LYS A 150 26.96 16.31 -49.13
N ILE A 151 26.66 17.48 -48.54
CA ILE A 151 25.69 17.60 -47.47
C ILE A 151 24.66 18.66 -47.84
N MET A 152 23.41 18.42 -47.48
CA MET A 152 22.33 19.38 -47.67
C MET A 152 22.20 20.28 -46.44
N HIS A 153 21.36 21.31 -46.57
CA HIS A 153 21.21 22.28 -45.50
C HIS A 153 20.29 21.75 -44.39
N ARG A 154 19.07 21.33 -44.74
CA ARG A 154 18.03 20.78 -43.87
C ARG A 154 17.33 21.81 -43.02
N ASP A 155 17.64 23.10 -43.14
CA ASP A 155 17.03 24.07 -42.24
C ASP A 155 17.04 25.46 -42.88
N VAL A 156 16.64 25.53 -44.16
CA VAL A 156 16.57 26.79 -44.86
C VAL A 156 15.29 27.52 -44.45
N LYS A 157 15.43 28.77 -44.05
CA LYS A 157 14.32 29.63 -43.64
C LYS A 157 14.87 31.03 -43.41
N PRO A 158 14.00 32.05 -43.35
CA PRO A 158 14.52 33.42 -43.22
C PRO A 158 15.46 33.63 -42.05
N SER A 159 15.27 32.91 -40.93
CA SER A 159 16.15 33.09 -39.78
C SER A 159 17.55 32.54 -40.02
N ASN A 160 17.72 31.63 -40.99
CA ASN A 160 19.02 31.05 -41.27
C ASN A 160 19.68 31.63 -42.52
N ILE A 161 19.18 32.75 -43.03
CA ILE A 161 19.81 33.48 -44.12
C ILE A 161 20.30 34.81 -43.55
N LEU A 162 21.61 34.96 -43.42
CA LEU A 162 22.20 36.11 -42.76
C LEU A 162 22.75 37.09 -43.80
N VAL A 163 22.66 38.38 -43.47
CA VAL A 163 23.13 39.46 -44.33
C VAL A 163 23.99 40.40 -43.50
N ASN A 164 24.77 41.22 -44.18
CA ASN A 164 25.62 42.20 -43.51
C ASN A 164 25.69 43.47 -44.35
N SER A 165 26.22 44.53 -43.73
CA SER A 165 26.28 45.83 -44.37
C SER A 165 27.17 45.84 -45.61
N ARG A 166 28.05 44.84 -45.77
CA ARG A 166 28.79 44.70 -47.01
C ARG A 166 27.92 44.24 -48.18
N GLY A 167 26.66 43.89 -47.93
CA GLY A 167 25.79 43.41 -48.97
C GLY A 167 25.83 41.91 -49.19
N GLU A 168 26.56 41.18 -48.36
CA GLU A 168 26.68 39.74 -48.52
C GLU A 168 25.45 39.01 -47.97
N ILE A 169 25.18 37.85 -48.55
CA ILE A 169 24.06 36.99 -48.16
C ILE A 169 24.59 35.58 -47.98
N LYS A 170 24.55 35.08 -46.75
CA LYS A 170 25.17 33.79 -46.43
C LYS A 170 24.19 32.89 -45.69
N LEU A 171 24.42 31.58 -45.77
CA LEU A 171 23.60 30.60 -45.10
C LEU A 171 24.31 30.10 -43.84
N CYS A 172 23.53 29.82 -42.80
CA CYS A 172 24.08 29.26 -41.56
C CYS A 172 23.16 28.17 -41.04
N ASP A 173 23.60 27.55 -39.94
CA ASP A 173 22.83 26.54 -39.22
C ASP A 173 22.41 25.38 -40.12
N PHE A 174 23.34 24.88 -40.93
CA PHE A 174 23.02 23.71 -41.74
C PHE A 174 23.54 22.44 -41.09
N GLY A 175 23.07 21.31 -41.60
CA GLY A 175 23.37 20.02 -40.99
C GLY A 175 24.75 19.50 -41.35
N VAL A 176 25.78 20.11 -40.76
CA VAL A 176 27.15 19.67 -41.00
C VAL A 176 27.59 18.55 -40.06
N SER A 177 26.89 18.36 -38.94
CA SER A 177 27.26 17.35 -37.95
C SER A 177 26.08 16.40 -37.79
N GLY A 178 26.27 15.14 -38.21
CA GLY A 178 25.22 14.16 -38.04
C GLY A 178 24.84 13.95 -36.59
N GLN A 179 25.84 13.90 -35.70
CA GLN A 179 25.55 13.69 -34.29
C GLN A 179 24.79 14.86 -33.70
N LEU A 180 25.13 16.09 -34.09
CA LEU A 180 24.41 17.25 -33.59
C LEU A 180 22.99 17.29 -34.15
N ILE A 181 22.79 16.87 -35.40
CA ILE A 181 21.44 16.76 -35.94
C ILE A 181 20.63 15.80 -35.07
N ASP A 182 21.17 14.60 -34.84
CA ASP A 182 20.43 13.60 -34.09
C ASP A 182 20.22 14.01 -32.64
N SER A 183 21.01 14.94 -32.12
CA SER A 183 20.89 15.29 -30.71
C SER A 183 19.81 16.32 -30.45
N MET A 184 19.60 17.25 -31.37
CA MET A 184 18.73 18.37 -31.07
C MET A 184 17.52 18.51 -31.96
N ALA A 185 17.52 17.88 -33.14
CA ALA A 185 16.44 18.11 -34.10
C ALA A 185 15.11 17.64 -33.54
N ASN A 186 15.10 16.54 -32.79
CA ASN A 186 13.86 15.96 -32.29
C ASN A 186 13.28 16.70 -31.10
N SER A 187 13.84 17.84 -30.73
CA SER A 187 13.50 18.51 -29.47
C SER A 187 12.56 19.70 -29.66
N PHE A 188 12.83 20.58 -30.63
CA PHE A 188 12.15 21.86 -30.73
C PHE A 188 11.21 21.89 -31.94
N VAL A 189 10.03 22.47 -31.73
CA VAL A 189 9.07 22.72 -32.80
C VAL A 189 8.42 24.08 -32.55
N GLY A 190 8.46 24.95 -33.56
CA GLY A 190 7.94 26.30 -33.45
C GLY A 190 6.50 26.42 -33.86
N THR A 191 6.14 27.60 -34.37
CA THR A 191 4.78 27.87 -34.81
C THR A 191 4.64 27.98 -36.32
N ARG A 192 5.74 28.16 -37.04
CA ARG A 192 5.78 28.10 -38.50
C ARG A 192 6.65 26.92 -38.93
N SER A 193 6.35 26.37 -40.11
CA SER A 193 7.07 25.21 -40.62
C SER A 193 7.50 25.44 -42.05
N TYR A 194 8.79 25.21 -42.32
CA TYR A 194 9.37 25.35 -43.64
C TYR A 194 9.83 24.00 -44.20
N MET A 195 9.32 22.91 -43.62
CA MET A 195 9.72 21.57 -43.99
C MET A 195 8.90 21.06 -45.16
N SER A 196 9.55 20.30 -46.03
CA SER A 196 8.92 19.82 -47.24
C SER A 196 7.89 18.75 -46.91
N PRO A 197 6.86 18.61 -47.76
CA PRO A 197 5.88 17.52 -47.56
C PRO A 197 6.50 16.14 -47.50
N GLU A 198 7.60 15.89 -48.21
CA GLU A 198 8.18 14.55 -48.17
C GLU A 198 8.94 14.32 -46.87
N ARG A 199 9.50 15.38 -46.29
CA ARG A 199 10.13 15.24 -44.99
C ARG A 199 9.08 15.06 -43.90
N LEU A 200 7.97 15.81 -43.99
CA LEU A 200 6.89 15.63 -43.02
C LEU A 200 6.35 14.20 -43.06
N GLN A 201 6.17 13.66 -44.27
CA GLN A 201 5.68 12.29 -44.38
C GLN A 201 6.74 11.25 -44.04
N GLY A 202 7.97 11.69 -43.75
CA GLY A 202 9.03 10.76 -43.39
C GLY A 202 9.62 9.99 -44.55
N THR A 203 9.28 10.32 -45.80
CA THR A 203 9.82 9.59 -46.93
C THR A 203 11.24 10.08 -47.23
N HIS A 204 11.90 9.43 -48.20
CA HIS A 204 13.25 9.83 -48.57
C HIS A 204 13.25 11.24 -49.15
N TYR A 205 14.32 11.98 -48.87
CA TYR A 205 14.41 13.39 -49.23
C TYR A 205 15.85 13.73 -49.60
N SER A 206 16.02 14.91 -50.20
CA SER A 206 17.33 15.32 -50.68
C SER A 206 17.41 16.83 -50.60
N VAL A 207 18.30 17.42 -51.42
CA VAL A 207 18.39 18.86 -51.51
C VAL A 207 17.12 19.45 -52.07
N GLN A 208 16.31 18.64 -52.76
CA GLN A 208 15.02 19.14 -53.23
C GLN A 208 14.18 19.67 -52.10
N SER A 209 14.31 19.07 -50.91
CA SER A 209 13.59 19.58 -49.75
C SER A 209 14.03 21.00 -49.40
N ASP A 210 15.33 21.29 -49.56
CA ASP A 210 15.81 22.67 -49.37
C ASP A 210 15.19 23.62 -50.38
N ILE A 211 14.90 23.15 -51.60
CA ILE A 211 14.24 24.00 -52.60
C ILE A 211 12.89 24.47 -52.09
N TRP A 212 12.09 23.52 -51.58
CA TRP A 212 10.79 23.87 -51.01
C TRP A 212 10.95 24.90 -49.90
N SER A 213 11.92 24.71 -49.01
CA SER A 213 12.12 25.65 -47.93
C SER A 213 12.46 27.04 -48.47
N MET A 214 13.30 27.11 -49.50
CA MET A 214 13.60 28.40 -50.11
C MET A 214 12.35 29.04 -50.69
N GLY A 215 11.58 28.26 -51.46
CA GLY A 215 10.39 28.80 -52.09
C GLY A 215 9.39 29.35 -51.10
N LEU A 216 9.08 28.57 -50.06
CA LEU A 216 8.16 29.05 -49.03
C LEU A 216 8.72 30.28 -48.33
N SER A 217 10.05 30.33 -48.13
CA SER A 217 10.65 31.52 -47.53
C SER A 217 10.45 32.74 -48.41
N LEU A 218 10.59 32.58 -49.72
CA LEU A 218 10.43 33.71 -50.63
C LEU A 218 9.00 34.23 -50.59
N VAL A 219 8.02 33.33 -50.47
CA VAL A 219 6.63 33.75 -50.42
C VAL A 219 6.35 34.53 -49.14
N GLU A 220 6.92 34.10 -48.02
CA GLU A 220 6.71 34.83 -46.78
C GLU A 220 7.38 36.20 -46.82
N MET A 221 8.62 36.25 -47.31
CA MET A 221 9.34 37.53 -47.34
C MET A 221 8.77 38.49 -48.37
N ALA A 222 8.08 37.99 -49.39
CA ALA A 222 7.50 38.88 -50.39
C ALA A 222 6.23 39.54 -49.84
N VAL A 223 5.33 38.77 -49.25
CA VAL A 223 4.08 39.31 -48.72
C VAL A 223 4.19 39.75 -47.27
N GLY A 224 5.28 39.44 -46.58
CA GLY A 224 5.43 39.85 -45.19
C GLY A 224 4.53 39.10 -44.23
N ARG A 225 4.14 37.88 -44.57
CA ARG A 225 3.30 37.07 -43.70
C ARG A 225 3.49 35.61 -44.06
N TYR A 226 3.56 34.76 -43.04
CA TYR A 226 3.67 33.32 -43.26
C TYR A 226 2.45 32.82 -44.05
N PRO A 227 2.64 32.27 -45.25
CA PRO A 227 1.52 32.14 -46.20
C PRO A 227 0.49 31.10 -45.84
N ILE A 228 0.63 30.36 -44.73
CA ILE A 228 -0.31 29.31 -44.37
C ILE A 228 -0.95 29.70 -43.05
N GLY A 229 -2.18 30.20 -43.10
CA GLY A 229 -2.92 30.59 -41.91
C GLY A 229 -2.54 31.96 -41.38
N MET A 235 -3.62 28.55 -34.56
CA MET A 235 -3.98 27.22 -35.06
C MET A 235 -3.00 26.15 -34.58
N ALA A 236 -3.50 24.92 -34.46
CA ALA A 236 -2.68 23.80 -34.05
C ALA A 236 -1.60 23.49 -35.09
N ILE A 237 -0.39 23.21 -34.61
CA ILE A 237 0.73 22.99 -35.53
C ILE A 237 0.45 21.83 -36.48
N PHE A 238 -0.26 20.80 -36.01
CA PHE A 238 -0.57 19.68 -36.90
C PHE A 238 -1.42 20.12 -38.07
N GLU A 239 -2.39 21.01 -37.84
CA GLU A 239 -3.22 21.50 -38.93
C GLU A 239 -2.36 22.23 -39.96
N LEU A 240 -1.37 22.98 -39.49
CA LEU A 240 -0.43 23.63 -40.40
C LEU A 240 0.37 22.61 -41.19
N LEU A 241 0.89 21.59 -40.51
CA LEU A 241 1.65 20.55 -41.19
C LEU A 241 0.78 19.74 -42.14
N ASP A 242 -0.43 19.36 -41.69
CA ASP A 242 -1.29 18.57 -42.55
C ASP A 242 -1.71 19.36 -43.78
N TYR A 243 -1.80 20.69 -43.67
CA TYR A 243 -2.09 21.51 -44.83
C TYR A 243 -0.95 21.45 -45.84
N ILE A 244 0.29 21.52 -45.34
CA ILE A 244 1.45 21.38 -46.21
C ILE A 244 1.43 20.04 -46.94
N VAL A 245 1.01 18.98 -46.24
CA VAL A 245 1.10 17.64 -46.79
C VAL A 245 0.00 17.36 -47.81
N ASN A 246 -1.23 17.81 -47.53
CA ASN A 246 -2.38 17.41 -48.33
C ASN A 246 -3.05 18.53 -49.09
N GLU A 247 -2.81 19.79 -48.73
CA GLU A 247 -3.48 20.87 -49.44
C GLU A 247 -2.55 21.44 -50.51
N PRO A 248 -3.08 22.20 -51.46
CA PRO A 248 -2.22 22.76 -52.50
C PRO A 248 -1.19 23.71 -51.92
N PRO A 249 -0.06 23.90 -52.58
CA PRO A 249 0.97 24.79 -52.09
C PRO A 249 0.54 26.23 -52.22
N PRO A 250 1.22 27.15 -51.53
CA PRO A 250 0.92 28.57 -51.71
C PRO A 250 1.52 29.11 -53.01
N LYS A 251 1.10 30.32 -53.36
CA LYS A 251 1.61 31.02 -54.53
C LYS A 251 1.54 32.51 -54.27
N LEU A 252 2.32 33.26 -55.03
CA LEU A 252 2.33 34.71 -54.86
C LEU A 252 1.09 35.34 -55.48
N PRO A 253 0.59 36.44 -54.91
CA PRO A 253 -0.51 37.17 -55.55
C PRO A 253 -0.09 37.67 -56.93
N SER A 254 -1.08 37.72 -57.84
CA SER A 254 -0.78 37.89 -59.26
C SER A 254 -0.32 39.31 -59.60
N GLY A 255 -1.09 40.32 -59.17
CA GLY A 255 -0.91 41.65 -59.73
C GLY A 255 0.39 42.34 -59.35
N VAL A 256 0.96 41.96 -58.20
CA VAL A 256 2.13 42.64 -57.65
C VAL A 256 3.40 42.16 -58.36
N PHE A 257 3.81 40.93 -58.10
CA PHE A 257 5.12 40.44 -58.51
C PHE A 257 5.09 39.95 -59.95
N SER A 258 6.26 39.92 -60.57
CA SER A 258 6.39 39.55 -61.97
C SER A 258 6.04 38.09 -62.19
N LEU A 259 5.75 37.75 -63.45
CA LEU A 259 5.43 36.37 -63.79
C LEU A 259 6.65 35.47 -63.62
N GLU A 260 7.84 35.96 -63.98
CA GLU A 260 9.05 35.17 -63.81
C GLU A 260 9.29 34.82 -62.35
N PHE A 261 8.94 35.74 -61.43
CA PHE A 261 9.03 35.44 -60.01
C PHE A 261 7.97 34.43 -59.60
N GLN A 262 6.75 34.58 -60.12
CA GLN A 262 5.68 33.65 -59.78
C GLN A 262 6.03 32.24 -60.24
N ASP A 263 6.58 32.12 -61.45
CA ASP A 263 6.99 30.81 -61.93
C ASP A 263 8.16 30.25 -61.15
N PHE A 264 9.07 31.13 -60.69
CA PHE A 264 10.23 30.67 -59.92
C PHE A 264 9.79 30.01 -58.61
N VAL A 265 8.91 30.68 -57.86
CA VAL A 265 8.48 30.12 -56.59
C VAL A 265 7.55 28.93 -56.80
N ASN A 266 6.75 28.94 -57.87
CA ASN A 266 5.87 27.79 -58.14
C ASN A 266 6.68 26.56 -58.49
N LYS A 267 7.74 26.71 -59.29
CA LYS A 267 8.64 25.59 -59.56
C LYS A 267 9.43 25.15 -58.33
N CYS A 268 9.50 25.99 -57.29
CA CYS A 268 10.11 25.56 -56.03
C CYS A 268 9.12 24.83 -55.15
N LEU A 269 7.85 25.20 -55.21
CA LEU A 269 6.84 24.70 -54.27
C LEU A 269 5.98 23.60 -54.88
N ILE A 270 6.56 22.78 -55.75
CA ILE A 270 5.86 21.61 -56.27
C ILE A 270 5.95 20.50 -55.24
N LYS A 271 4.81 19.90 -54.90
CA LYS A 271 4.81 18.92 -53.80
C LYS A 271 5.61 17.69 -54.18
N ASN A 272 5.55 17.26 -55.42
CA ASN A 272 6.34 16.12 -55.85
C ASN A 272 7.79 16.54 -56.02
N PRO A 273 8.71 16.08 -55.17
CA PRO A 273 10.11 16.53 -55.30
C PRO A 273 10.74 16.13 -56.63
N ALA A 274 10.28 15.07 -57.28
CA ALA A 274 10.81 14.73 -58.58
C ALA A 274 10.39 15.74 -59.63
N GLU A 275 9.16 16.25 -59.53
CA GLU A 275 8.70 17.30 -60.45
C GLU A 275 9.15 18.68 -60.02
N ARG A 276 9.56 18.85 -58.77
CA ARG A 276 10.11 20.11 -58.31
C ARG A 276 11.39 20.43 -59.08
N ALA A 277 11.63 21.72 -59.30
CA ALA A 277 12.85 22.15 -59.95
C ALA A 277 14.04 21.91 -59.02
N ASP A 278 15.18 21.52 -59.61
CA ASP A 278 16.41 21.31 -58.87
C ASP A 278 17.28 22.56 -58.97
N LEU A 279 18.47 22.47 -58.37
CA LEU A 279 19.36 23.64 -58.31
C LEU A 279 19.79 24.08 -59.71
N LYS A 280 20.11 23.14 -60.60
CA LYS A 280 20.66 23.51 -61.91
C LYS A 280 19.61 24.19 -62.77
N GLN A 281 18.36 23.73 -62.71
CA GLN A 281 17.28 24.37 -63.46
C GLN A 281 16.99 25.76 -62.90
N LEU A 282 16.96 25.91 -61.57
CA LEU A 282 16.73 27.22 -60.97
C LEU A 282 17.87 28.18 -61.26
N MET A 283 19.08 27.66 -61.41
CA MET A 283 20.23 28.53 -61.68
C MET A 283 20.11 29.19 -63.06
N VAL A 284 19.44 28.54 -64.01
CA VAL A 284 19.26 29.08 -65.35
C VAL A 284 17.83 29.56 -65.59
N HIS A 285 17.07 29.80 -64.52
CA HIS A 285 15.69 30.25 -64.63
C HIS A 285 15.62 31.73 -65.00
N ALA A 286 14.49 32.11 -65.59
CA ALA A 286 14.33 33.49 -66.07
C ALA A 286 14.44 34.49 -64.93
N PHE A 287 13.90 34.15 -63.76
CA PHE A 287 14.02 35.05 -62.61
C PHE A 287 15.46 35.20 -62.15
N ILE A 288 16.28 34.16 -62.33
CA ILE A 288 17.69 34.23 -61.90
C ILE A 288 18.54 34.91 -62.96
N LYS A 289 18.30 34.59 -64.23
CA LYS A 289 18.98 35.29 -65.31
C LYS A 289 18.75 36.80 -65.21
N ARG A 290 17.53 37.20 -64.84
CA ARG A 290 17.21 38.62 -64.76
C ARG A 290 17.81 39.26 -63.51
N SER A 291 17.59 38.66 -62.35
CA SER A 291 18.03 39.24 -61.08
C SER A 291 19.56 39.31 -60.98
N ASP A 292 20.27 38.37 -61.62
CA ASP A 292 21.72 38.39 -61.59
C ASP A 292 22.31 39.48 -62.47
N ALA A 293 21.70 39.76 -63.62
CA ALA A 293 22.19 40.84 -64.45
C ALA A 293 21.89 42.21 -63.84
N GLU A 294 20.87 42.32 -62.99
CA GLU A 294 20.46 43.62 -62.48
C GLU A 294 21.52 44.20 -61.55
N GLU A 295 21.52 45.53 -61.44
CA GLU A 295 22.35 46.25 -60.48
C GLU A 295 21.42 46.79 -59.40
N VAL A 296 21.51 46.21 -58.20
CA VAL A 296 20.70 46.61 -57.06
C VAL A 296 21.62 46.78 -55.86
N ASP A 297 21.56 47.97 -55.23
CA ASP A 297 22.39 48.28 -54.07
C ASP A 297 21.77 47.64 -52.82
N PHE A 298 22.05 46.33 -52.65
CA PHE A 298 21.54 45.62 -51.49
C PHE A 298 22.19 46.14 -50.21
N ALA A 299 23.49 46.44 -50.25
CA ALA A 299 24.15 46.99 -49.06
C ALA A 299 23.50 48.30 -48.65
N GLY A 300 23.16 49.14 -49.62
CA GLY A 300 22.50 50.40 -49.30
C GLY A 300 21.07 50.19 -48.81
N TRP A 301 20.30 49.36 -49.52
CA TRP A 301 18.92 49.11 -49.11
C TRP A 301 18.86 48.54 -47.70
N LEU A 302 19.71 47.55 -47.42
CA LEU A 302 19.69 46.91 -46.11
C LEU A 302 19.92 47.92 -44.99
N CYS A 303 20.94 48.77 -45.14
CA CYS A 303 21.27 49.72 -44.09
C CYS A 303 20.16 50.75 -43.91
N SER A 304 19.66 51.32 -45.01
CA SER A 304 18.61 52.32 -44.91
C SER A 304 17.30 51.72 -44.42
N THR A 305 17.06 50.44 -44.70
CA THR A 305 15.83 49.79 -44.25
C THR A 305 15.88 49.52 -42.75
N ILE A 306 16.96 48.89 -42.28
CA ILE A 306 17.05 48.54 -40.86
C ILE A 306 17.62 49.67 -40.01
N GLY A 307 18.35 50.61 -40.60
CA GLY A 307 18.92 51.70 -39.83
C GLY A 307 20.34 51.44 -39.38
N LEU A 308 21.30 51.62 -40.29
CA LEU A 308 22.70 51.40 -39.98
C LEU A 308 23.53 52.65 -40.26
N GLU B 3 -34.50 -26.38 57.78
CA GLU B 3 -34.57 -27.51 58.69
C GLU B 3 -33.19 -28.11 58.98
N GLU B 4 -32.52 -28.63 57.94
CA GLU B 4 -31.16 -29.15 58.09
C GLU B 4 -30.13 -28.06 58.31
N LEU B 5 -30.55 -26.79 58.40
CA LEU B 5 -29.68 -25.68 58.77
C LEU B 5 -29.80 -25.33 60.24
N GLU B 6 -30.31 -26.26 61.06
CA GLU B 6 -30.43 -26.02 62.50
C GLU B 6 -29.06 -25.79 63.11
N LEU B 7 -28.98 -24.83 64.03
CA LEU B 7 -27.70 -24.40 64.58
C LEU B 7 -27.34 -25.24 65.80
N ASP B 8 -26.22 -25.96 65.71
CA ASP B 8 -25.64 -26.63 66.87
C ASP B 8 -25.12 -25.60 67.87
N GLU B 9 -25.10 -25.97 69.14
CA GLU B 9 -24.70 -25.02 70.19
C GLU B 9 -23.25 -24.61 70.05
N GLN B 10 -22.35 -25.58 69.86
CA GLN B 10 -20.94 -25.24 69.65
C GLN B 10 -20.76 -24.47 68.35
N GLN B 11 -21.56 -24.77 67.34
CA GLN B 11 -21.50 -24.02 66.10
C GLN B 11 -22.03 -22.60 66.30
N ARG B 12 -23.14 -22.46 67.03
CA ARG B 12 -23.72 -21.14 67.25
C ARG B 12 -22.75 -20.23 68.00
N LYS B 13 -22.03 -20.78 68.97
CA LYS B 13 -21.06 -19.98 69.70
C LYS B 13 -19.83 -19.67 68.86
N ARG B 14 -19.41 -20.58 67.97
CA ARG B 14 -18.29 -20.30 67.10
C ARG B 14 -18.67 -19.25 66.05
N LEU B 15 -19.88 -19.34 65.51
CA LEU B 15 -20.34 -18.31 64.58
C LEU B 15 -20.50 -16.98 65.30
N GLU B 16 -21.07 -16.98 66.51
CA GLU B 16 -21.18 -15.77 67.29
C GLU B 16 -19.80 -15.17 67.55
N ALA B 17 -18.84 -16.00 67.94
CA ALA B 17 -17.49 -15.51 68.18
C ALA B 17 -16.90 -14.88 66.93
N PHE B 18 -16.96 -15.60 65.81
CA PHE B 18 -16.42 -15.05 64.57
C PHE B 18 -17.07 -13.71 64.23
N LEU B 19 -18.36 -13.55 64.52
CA LEU B 19 -19.02 -12.29 64.24
C LEU B 19 -18.50 -11.16 65.12
N THR B 20 -18.27 -11.44 66.42
CA THR B 20 -17.74 -10.37 67.28
C THR B 20 -16.27 -10.12 67.00
N GLN B 21 -15.53 -11.13 66.52
CA GLN B 21 -14.18 -10.88 66.04
C GLN B 21 -14.20 -10.00 64.79
N LYS B 22 -15.10 -10.30 63.86
CA LYS B 22 -15.21 -9.52 62.64
C LYS B 22 -15.71 -8.11 62.92
N GLN B 23 -16.41 -7.88 64.03
CA GLN B 23 -17.01 -6.59 64.32
C GLN B 23 -15.99 -5.48 64.58
N LYS B 24 -14.70 -5.82 64.71
CA LYS B 24 -13.70 -4.85 65.14
C LYS B 24 -12.61 -4.61 64.11
N VAL B 25 -12.81 -5.05 62.86
CA VAL B 25 -11.78 -4.89 61.84
C VAL B 25 -11.96 -3.60 61.05
N GLY B 26 -13.18 -3.25 60.65
CA GLY B 26 -13.37 -2.03 59.89
C GLY B 26 -13.03 -2.20 58.42
N GLU B 27 -12.72 -1.07 57.78
CA GLU B 27 -12.42 -1.03 56.35
C GLU B 27 -10.98 -1.47 56.11
N LEU B 28 -10.80 -2.33 55.12
CA LEU B 28 -9.50 -2.96 54.86
C LEU B 28 -8.76 -2.18 53.78
N LYS B 29 -7.48 -1.91 54.03
CA LYS B 29 -6.60 -1.27 53.08
C LYS B 29 -5.35 -2.13 52.93
N ASP B 30 -4.61 -1.88 51.85
CA ASP B 30 -3.43 -2.69 51.57
C ASP B 30 -2.36 -2.52 52.64
N ASP B 31 -2.22 -1.32 53.22
CA ASP B 31 -1.21 -1.09 54.25
C ASP B 31 -1.49 -1.87 55.52
N ASP B 32 -2.73 -2.30 55.73
CA ASP B 32 -3.09 -3.02 56.93
C ASP B 32 -2.47 -4.41 57.00
N PHE B 33 -2.03 -4.96 55.88
CA PHE B 33 -1.69 -6.37 55.78
C PHE B 33 -0.19 -6.57 55.64
N GLU B 34 0.35 -7.45 56.47
CA GLU B 34 1.74 -7.90 56.39
C GLU B 34 1.74 -9.35 55.92
N LYS B 35 2.51 -9.64 54.88
CA LYS B 35 2.46 -10.94 54.23
C LYS B 35 3.25 -11.97 55.02
N ILE B 36 2.61 -13.11 55.32
CA ILE B 36 3.26 -14.20 56.02
C ILE B 36 3.81 -15.21 55.02
N SER B 37 2.93 -15.88 54.28
CA SER B 37 3.33 -16.91 53.35
C SER B 37 2.33 -16.98 52.21
N GLU B 38 2.72 -17.67 51.13
CA GLU B 38 1.85 -17.90 49.98
C GLU B 38 1.23 -19.29 50.11
N LEU B 39 -0.11 -19.34 50.11
CA LEU B 39 -0.82 -20.60 50.31
C LEU B 39 -1.10 -21.35 49.02
N GLY B 40 -0.95 -20.72 47.88
CA GLY B 40 -1.18 -21.36 46.60
C GLY B 40 -1.65 -20.36 45.57
N ALA B 41 -2.06 -20.87 44.41
CA ALA B 41 -2.54 -20.02 43.32
C ALA B 41 -3.36 -20.86 42.35
N GLY B 42 -3.74 -20.24 41.23
CA GLY B 42 -4.44 -20.92 40.17
C GLY B 42 -5.59 -20.13 39.58
N ASN B 43 -5.67 -20.11 38.24
CA ASN B 43 -6.76 -19.50 37.48
C ASN B 43 -7.00 -18.05 37.90
N GLY B 44 -6.02 -17.22 37.56
CA GLY B 44 -6.10 -15.79 37.75
C GLY B 44 -6.11 -15.32 39.18
N GLY B 45 -5.84 -16.22 40.14
CA GLY B 45 -5.86 -15.86 41.54
C GLY B 45 -4.73 -16.46 42.35
N VAL B 46 -4.15 -15.67 43.25
CA VAL B 46 -3.16 -16.15 44.21
C VAL B 46 -3.65 -15.83 45.61
N VAL B 47 -3.32 -16.70 46.56
CA VAL B 47 -3.80 -16.58 47.92
C VAL B 47 -2.61 -16.57 48.87
N PHE B 48 -2.58 -15.59 49.77
CA PHE B 48 -1.55 -15.46 50.78
C PHE B 48 -2.16 -15.64 52.17
N LYS B 49 -1.39 -16.26 53.07
CA LYS B 49 -1.66 -16.13 54.50
C LYS B 49 -1.17 -14.78 54.95
N VAL B 50 -2.00 -14.05 55.69
CA VAL B 50 -1.74 -12.63 55.91
C VAL B 50 -2.07 -12.26 57.35
N SER B 51 -1.29 -11.34 57.91
CA SER B 51 -1.59 -10.73 59.21
C SER B 51 -2.21 -9.37 58.96
N HIS B 52 -3.44 -9.19 59.45
CA HIS B 52 -4.09 -7.88 59.44
C HIS B 52 -3.60 -7.13 60.67
N LYS B 53 -2.74 -6.15 60.46
CA LYS B 53 -2.00 -5.49 61.53
C LYS B 53 -2.86 -4.71 62.53
N PRO B 54 -3.95 -4.03 62.12
CA PRO B 54 -4.75 -3.30 63.14
C PRO B 54 -5.25 -4.22 64.23
N SER B 55 -5.99 -5.27 63.87
CA SER B 55 -6.30 -6.35 64.80
C SER B 55 -5.09 -7.29 64.85
N GLY B 56 -5.22 -8.46 65.45
CA GLY B 56 -4.20 -9.47 65.30
C GLY B 56 -4.53 -10.58 64.34
N LEU B 57 -5.58 -10.43 63.53
CA LEU B 57 -6.16 -11.58 62.86
C LEU B 57 -5.27 -12.08 61.74
N VAL B 58 -4.95 -13.36 61.78
CA VAL B 58 -4.40 -14.04 60.61
C VAL B 58 -5.54 -14.28 59.63
N MET B 59 -5.43 -13.71 58.43
CA MET B 59 -6.44 -13.87 57.40
C MET B 59 -5.86 -14.56 56.17
N ALA B 60 -6.76 -14.94 55.27
CA ALA B 60 -6.38 -15.39 53.94
C ALA B 60 -6.77 -14.31 52.95
N ARG B 61 -5.79 -13.85 52.16
CA ARG B 61 -5.99 -12.76 51.20
C ARG B 61 -5.87 -13.32 49.79
N LYS B 62 -6.97 -13.32 49.04
CA LYS B 62 -6.98 -13.73 47.65
C LYS B 62 -6.87 -12.51 46.75
N LEU B 63 -5.99 -12.58 45.76
CA LEU B 63 -5.76 -11.49 44.83
C LEU B 63 -6.22 -11.93 43.45
N ILE B 64 -7.11 -11.15 42.85
CA ILE B 64 -7.64 -11.44 41.53
C ILE B 64 -7.21 -10.30 40.62
N HIS B 65 -6.23 -10.56 39.74
CA HIS B 65 -5.80 -9.55 38.78
C HIS B 65 -6.87 -9.41 37.71
N LEU B 66 -7.34 -8.19 37.48
CA LEU B 66 -8.43 -7.97 36.52
C LEU B 66 -8.24 -6.62 35.85
N GLU B 67 -8.16 -6.63 34.52
CA GLU B 67 -8.09 -5.40 33.72
C GLU B 67 -9.51 -5.05 33.31
N ILE B 68 -10.19 -4.28 34.16
CA ILE B 68 -11.59 -3.93 33.96
C ILE B 68 -11.78 -2.47 34.34
N LYS B 69 -12.90 -1.90 33.90
CA LYS B 69 -13.21 -0.52 34.23
C LYS B 69 -13.50 -0.40 35.73
N PRO B 70 -13.18 0.74 36.33
CA PRO B 70 -13.47 0.93 37.77
C PRO B 70 -14.95 0.94 38.08
N ALA B 71 -15.82 1.21 37.09
CA ALA B 71 -17.25 1.18 37.32
C ALA B 71 -17.72 -0.23 37.67
N ILE B 72 -17.34 -1.22 36.85
CA ILE B 72 -17.70 -2.60 37.14
C ILE B 72 -16.81 -3.18 38.23
N ARG B 73 -15.64 -2.60 38.46
CA ARG B 73 -14.79 -3.02 39.56
C ARG B 73 -15.47 -2.74 40.90
N ASN B 74 -16.13 -1.59 41.02
CA ASN B 74 -16.87 -1.29 42.23
C ASN B 74 -18.14 -2.10 42.34
N GLN B 75 -18.73 -2.48 41.20
CA GLN B 75 -19.88 -3.39 41.24
C GLN B 75 -19.48 -4.76 41.78
N ILE B 76 -18.23 -5.17 41.55
CA ILE B 76 -17.75 -6.44 42.11
C ILE B 76 -17.60 -6.32 43.62
N ILE B 77 -16.94 -5.25 44.07
CA ILE B 77 -16.75 -5.02 45.50
C ILE B 77 -18.11 -4.88 46.19
N ARG B 78 -19.06 -4.24 45.52
CA ARG B 78 -20.39 -4.07 46.08
C ARG B 78 -21.13 -5.40 46.15
N GLU B 79 -21.04 -6.21 45.10
CA GLU B 79 -21.75 -7.48 45.13
C GLU B 79 -21.12 -8.46 46.12
N LEU B 80 -19.83 -8.32 46.40
CA LEU B 80 -19.18 -9.20 47.36
C LEU B 80 -19.62 -8.93 48.79
N GLN B 81 -20.19 -7.75 49.05
CA GLN B 81 -20.65 -7.44 50.40
C GLN B 81 -21.72 -8.43 50.87
N VAL B 82 -22.38 -9.11 49.93
CA VAL B 82 -23.38 -10.13 50.30
C VAL B 82 -22.75 -11.20 51.16
N LEU B 83 -21.44 -11.44 50.99
CA LEU B 83 -20.74 -12.41 51.82
C LEU B 83 -20.83 -12.08 53.31
N HIS B 84 -21.04 -10.82 53.67
CA HIS B 84 -21.24 -10.50 55.09
C HIS B 84 -22.48 -11.20 55.63
N GLU B 85 -23.45 -11.51 54.78
CA GLU B 85 -24.66 -12.20 55.22
C GLU B 85 -24.59 -13.70 55.02
N CYS B 86 -23.48 -14.21 54.50
CA CYS B 86 -23.26 -15.66 54.37
C CYS B 86 -22.58 -16.16 55.63
N ASN B 87 -23.38 -16.49 56.63
CA ASN B 87 -22.90 -16.92 57.94
C ASN B 87 -23.39 -18.33 58.19
N SER B 88 -22.49 -19.30 58.10
CA SER B 88 -22.85 -20.70 58.27
C SER B 88 -21.61 -21.46 58.73
N PRO B 89 -21.78 -22.54 59.51
CA PRO B 89 -20.64 -23.38 59.87
C PRO B 89 -19.98 -24.05 58.69
N TYR B 90 -20.64 -24.05 57.53
CA TYR B 90 -20.11 -24.71 56.34
C TYR B 90 -19.71 -23.71 55.26
N ILE B 91 -19.64 -22.43 55.57
CA ILE B 91 -19.19 -21.41 54.63
C ILE B 91 -18.00 -20.67 55.24
N VAL B 92 -17.01 -20.38 54.41
CA VAL B 92 -15.83 -19.65 54.87
C VAL B 92 -16.22 -18.21 55.18
N GLY B 93 -15.71 -17.69 56.30
CA GLY B 93 -15.99 -16.32 56.70
C GLY B 93 -15.37 -15.29 55.78
N PHE B 94 -16.01 -14.12 55.74
CA PHE B 94 -15.62 -13.00 54.88
C PHE B 94 -15.32 -11.78 55.74
N TYR B 95 -14.13 -11.20 55.56
CA TYR B 95 -13.77 -10.00 56.31
C TYR B 95 -14.02 -8.73 55.49
N GLY B 96 -13.61 -8.72 54.23
CA GLY B 96 -13.73 -7.53 53.42
C GLY B 96 -13.06 -7.74 52.09
N ALA B 97 -13.41 -6.84 51.16
CA ALA B 97 -12.85 -6.87 49.81
C ALA B 97 -12.59 -5.45 49.34
N PHE B 98 -11.44 -5.26 48.68
CA PHE B 98 -11.01 -3.94 48.22
C PHE B 98 -10.16 -4.11 46.96
N TYR B 99 -9.65 -2.99 46.45
CA TYR B 99 -8.88 -2.99 45.20
C TYR B 99 -7.61 -2.16 45.38
N SER B 100 -6.49 -2.68 44.85
CA SER B 100 -5.22 -1.98 44.95
C SER B 100 -4.26 -2.51 43.89
N ASP B 101 -3.63 -1.59 43.16
CA ASP B 101 -2.55 -1.91 42.22
C ASP B 101 -3.00 -2.95 41.19
N GLY B 102 -4.13 -2.67 40.54
CA GLY B 102 -4.63 -3.52 39.49
C GLY B 102 -5.33 -4.79 39.92
N GLU B 103 -5.29 -5.14 41.21
CA GLU B 103 -5.84 -6.40 41.68
C GLU B 103 -6.95 -6.16 42.68
N ILE B 104 -7.90 -7.09 42.72
CA ILE B 104 -8.97 -7.10 43.72
C ILE B 104 -8.58 -8.06 44.83
N SER B 105 -8.62 -7.58 46.07
CA SER B 105 -8.35 -8.41 47.24
C SER B 105 -9.66 -8.90 47.84
N ILE B 106 -9.67 -10.16 48.28
CA ILE B 106 -10.80 -10.75 49.00
C ILE B 106 -10.23 -11.36 50.29
N CYS B 107 -10.43 -10.68 51.42
CA CYS B 107 -9.90 -11.12 52.70
C CYS B 107 -10.91 -11.98 53.41
N MET B 108 -10.51 -13.19 53.73
CA MET B 108 -11.47 -14.16 54.21
C MET B 108 -10.88 -14.89 55.41
N GLU B 109 -11.64 -15.84 55.94
CA GLU B 109 -11.18 -16.69 57.03
C GLU B 109 -10.05 -17.60 56.59
N HIS B 110 -8.99 -17.69 57.39
CA HIS B 110 -7.90 -18.62 57.12
C HIS B 110 -8.23 -20.00 57.68
N MET B 111 -8.28 -21.00 56.81
CA MET B 111 -8.50 -22.38 57.19
C MET B 111 -7.14 -23.09 57.24
N ASP B 112 -6.61 -23.29 58.45
CA ASP B 112 -5.25 -23.80 58.58
C ASP B 112 -5.08 -25.22 58.05
N GLY B 113 -6.17 -25.92 57.75
CA GLY B 113 -6.00 -27.22 57.13
C GLY B 113 -5.91 -27.19 55.61
N GLY B 114 -6.09 -26.01 55.01
CA GLY B 114 -6.05 -25.90 53.56
C GLY B 114 -7.27 -26.54 52.89
N SER B 115 -7.12 -26.80 51.59
CA SER B 115 -8.16 -27.43 50.80
C SER B 115 -7.99 -28.94 50.80
N LEU B 116 -9.10 -29.65 50.59
CA LEU B 116 -9.02 -31.10 50.47
C LEU B 116 -8.14 -31.52 49.31
N ASP B 117 -7.97 -30.66 48.31
CA ASP B 117 -7.00 -30.92 47.25
C ASP B 117 -5.59 -31.04 47.81
N GLN B 118 -5.24 -30.19 48.77
CA GLN B 118 -3.94 -30.28 49.42
C GLN B 118 -3.87 -31.49 50.34
N VAL B 119 -4.90 -31.70 51.16
CA VAL B 119 -4.95 -32.87 52.04
C VAL B 119 -4.80 -34.15 51.23
N LEU B 120 -5.52 -34.24 50.11
CA LEU B 120 -5.40 -35.41 49.25
C LEU B 120 -3.97 -35.61 48.78
N LYS B 121 -3.26 -34.52 48.47
CA LYS B 121 -1.88 -34.65 48.02
C LYS B 121 -0.99 -35.26 49.11
N LYS B 122 -1.27 -34.97 50.38
CA LYS B 122 -0.46 -35.51 51.46
C LYS B 122 -0.98 -36.85 51.96
N ALA B 123 -2.30 -37.01 52.06
CA ALA B 123 -2.90 -38.22 52.59
C ALA B 123 -3.04 -39.34 51.56
N GLY B 124 -2.75 -39.07 50.29
CA GLY B 124 -2.94 -40.08 49.26
C GLY B 124 -4.41 -40.29 48.92
N ARG B 125 -5.16 -40.84 49.86
CA ARG B 125 -6.59 -41.01 49.73
C ARG B 125 -7.28 -40.53 51.00
N ILE B 126 -8.57 -40.23 50.89
CA ILE B 126 -9.41 -39.87 52.02
C ILE B 126 -10.34 -41.04 52.30
N PRO B 127 -10.35 -41.59 53.51
CA PRO B 127 -11.19 -42.77 53.78
C PRO B 127 -12.66 -42.44 53.70
N GLU B 128 -13.46 -43.50 53.53
CA GLU B 128 -14.89 -43.33 53.31
C GLU B 128 -15.57 -42.61 54.47
N GLN B 129 -15.28 -43.03 55.71
CA GLN B 129 -15.91 -42.41 56.88
C GLN B 129 -15.66 -40.91 56.93
N ILE B 130 -14.47 -40.47 56.51
CA ILE B 130 -14.16 -39.04 56.50
C ILE B 130 -14.93 -38.34 55.38
N LEU B 131 -14.99 -38.97 54.21
CA LEU B 131 -15.76 -38.41 53.11
C LEU B 131 -17.25 -38.30 53.43
N GLY B 132 -17.76 -39.14 54.34
CA GLY B 132 -19.13 -38.98 54.80
C GLY B 132 -19.35 -37.66 55.50
N LYS B 133 -18.41 -37.26 56.35
CA LYS B 133 -18.51 -35.95 57.01
C LYS B 133 -18.38 -34.82 56.00
N VAL B 134 -17.49 -34.98 55.01
CA VAL B 134 -17.35 -33.97 53.96
C VAL B 134 -18.64 -33.84 53.16
N SER B 135 -19.26 -34.98 52.83
CA SER B 135 -20.46 -34.91 52.00
C SER B 135 -21.59 -34.20 52.72
N ILE B 136 -21.68 -34.38 54.05
CA ILE B 136 -22.70 -33.68 54.83
C ILE B 136 -22.48 -32.17 54.71
N ALA B 137 -21.25 -31.72 54.94
CA ALA B 137 -20.97 -30.28 54.94
C ALA B 137 -21.22 -29.66 53.57
N VAL B 138 -20.78 -30.33 52.50
CA VAL B 138 -21.03 -29.81 51.15
C VAL B 138 -22.52 -29.68 50.91
N ILE B 139 -23.30 -30.68 51.31
CA ILE B 139 -24.75 -30.64 51.14
C ILE B 139 -25.35 -29.53 51.98
N LYS B 140 -25.03 -29.50 53.27
CA LYS B 140 -25.56 -28.46 54.14
C LYS B 140 -25.16 -27.08 53.63
N GLY B 141 -23.90 -26.91 53.25
CA GLY B 141 -23.47 -25.63 52.73
C GLY B 141 -24.21 -25.24 51.48
N LEU B 142 -24.45 -26.20 50.60
CA LEU B 142 -25.17 -25.91 49.36
C LEU B 142 -26.62 -25.55 49.64
N THR B 143 -27.27 -26.24 50.59
CA THR B 143 -28.64 -25.85 50.92
C THR B 143 -28.66 -24.46 51.54
N TYR B 144 -27.64 -24.12 52.32
CA TYR B 144 -27.63 -22.80 52.95
C TYR B 144 -27.57 -21.70 51.91
N LEU B 145 -26.71 -21.85 50.91
CA LEU B 145 -26.64 -20.88 49.83
C LEU B 145 -27.93 -20.85 49.00
N ARG B 146 -28.55 -22.00 48.76
CA ARG B 146 -29.79 -22.03 48.00
C ARG B 146 -30.97 -21.50 48.81
N GLU B 147 -31.12 -21.91 50.06
CA GLU B 147 -32.26 -21.48 50.86
C GLU B 147 -32.14 -20.01 51.23
N LYS B 148 -30.98 -19.60 51.72
CA LYS B 148 -30.86 -18.30 52.35
C LYS B 148 -30.33 -17.21 51.42
N HIS B 149 -29.75 -17.57 50.28
CA HIS B 149 -29.15 -16.58 49.40
C HIS B 149 -29.44 -16.81 47.92
N LYS B 150 -30.22 -17.84 47.57
CA LYS B 150 -30.70 -18.06 46.22
C LYS B 150 -29.59 -18.18 45.19
N ILE B 151 -28.37 -18.51 45.62
CA ILE B 151 -27.25 -18.62 44.71
C ILE B 151 -26.62 -20.01 44.82
N MET B 152 -26.24 -20.57 43.68
CA MET B 152 -25.55 -21.83 43.63
C MET B 152 -24.04 -21.61 43.70
N HIS B 153 -23.31 -22.70 43.90
CA HIS B 153 -21.87 -22.59 44.12
C HIS B 153 -21.12 -22.32 42.81
N ARG B 154 -21.27 -23.21 41.84
CA ARG B 154 -20.75 -23.15 40.47
C ARG B 154 -19.28 -23.57 40.36
N ASP B 155 -18.60 -23.87 41.46
CA ASP B 155 -17.19 -24.23 41.40
C ASP B 155 -16.85 -25.18 42.54
N VAL B 156 -17.66 -26.21 42.72
CA VAL B 156 -17.40 -27.22 43.73
C VAL B 156 -16.28 -28.12 43.24
N LYS B 157 -15.25 -28.27 44.04
CA LYS B 157 -14.11 -29.13 43.73
C LYS B 157 -13.25 -29.21 44.98
N PRO B 158 -12.38 -30.22 45.07
CA PRO B 158 -11.55 -30.35 46.28
C PRO B 158 -10.79 -29.09 46.65
N SER B 159 -10.37 -28.27 45.69
CA SER B 159 -9.56 -27.11 46.05
C SER B 159 -10.40 -26.02 46.74
N ASN B 160 -11.73 -26.07 46.58
CA ASN B 160 -12.63 -25.08 47.15
C ASN B 160 -13.41 -25.62 48.35
N ILE B 161 -13.02 -26.77 48.87
CA ILE B 161 -13.56 -27.29 50.13
C ILE B 161 -12.44 -27.17 51.15
N LEU B 162 -12.59 -26.26 52.10
CA LEU B 162 -11.55 -25.95 53.06
C LEU B 162 -11.86 -26.56 54.41
N VAL B 163 -10.80 -27.02 55.11
CA VAL B 163 -10.91 -27.64 56.41
C VAL B 163 -9.94 -26.96 57.37
N ASN B 164 -10.14 -27.18 58.66
CA ASN B 164 -9.26 -26.59 59.66
C ASN B 164 -9.14 -27.53 60.85
N SER B 165 -8.16 -27.24 61.71
CA SER B 165 -7.87 -28.12 62.84
C SER B 165 -9.02 -28.21 63.83
N ARG B 166 -9.99 -27.30 63.76
CA ARG B 166 -11.20 -27.41 64.59
C ARG B 166 -12.14 -28.50 64.10
N GLY B 167 -11.85 -29.13 62.97
CA GLY B 167 -12.72 -30.16 62.43
C GLY B 167 -13.79 -29.67 61.49
N GLU B 168 -13.77 -28.39 61.13
CA GLU B 168 -14.81 -27.78 60.30
C GLU B 168 -14.53 -27.99 58.82
N ILE B 169 -15.60 -28.12 58.04
CA ILE B 169 -15.53 -28.30 56.60
C ILE B 169 -16.37 -27.21 55.95
N LYS B 170 -15.72 -26.26 55.31
CA LYS B 170 -16.39 -25.08 54.79
C LYS B 170 -16.12 -24.93 53.31
N LEU B 171 -17.08 -24.33 52.61
CA LEU B 171 -16.99 -24.05 51.19
C LEU B 171 -16.50 -22.62 50.96
N CYS B 172 -15.76 -22.42 49.85
CA CYS B 172 -15.36 -21.08 49.43
C CYS B 172 -15.38 -20.99 47.92
N ASP B 173 -15.17 -19.76 47.42
CA ASP B 173 -15.07 -19.47 45.99
C ASP B 173 -16.34 -19.86 45.24
N PHE B 174 -17.49 -19.43 45.78
CA PHE B 174 -18.77 -19.67 45.11
C PHE B 174 -19.26 -18.40 44.44
N GLY B 175 -20.22 -18.58 43.53
CA GLY B 175 -20.67 -17.50 42.68
C GLY B 175 -21.54 -16.48 43.37
N VAL B 176 -20.94 -15.69 44.26
CA VAL B 176 -21.71 -14.70 45.01
C VAL B 176 -21.85 -13.37 44.27
N SER B 177 -20.96 -13.05 43.34
CA SER B 177 -21.00 -11.80 42.59
C SER B 177 -21.19 -12.10 41.11
N GLY B 178 -22.36 -11.74 40.57
CA GLY B 178 -22.61 -11.94 39.15
C GLY B 178 -21.56 -11.26 38.28
N GLN B 179 -21.17 -10.04 38.64
CA GLN B 179 -20.20 -9.31 37.84
C GLN B 179 -18.83 -9.99 37.89
N LEU B 180 -18.42 -10.46 39.07
CA LEU B 180 -17.14 -11.16 39.18
C LEU B 180 -17.17 -12.45 38.38
N ILE B 181 -18.30 -13.17 38.39
CA ILE B 181 -18.44 -14.38 37.58
C ILE B 181 -18.14 -14.07 36.12
N ASP B 182 -18.95 -13.22 35.50
CA ASP B 182 -18.78 -12.91 34.08
C ASP B 182 -17.43 -12.29 33.77
N SER B 183 -16.79 -11.66 34.75
CA SER B 183 -15.49 -11.05 34.47
C SER B 183 -14.36 -12.07 34.36
N MET B 184 -14.40 -13.14 35.16
CA MET B 184 -13.28 -14.06 35.18
C MET B 184 -13.63 -15.49 34.79
N ALA B 185 -14.91 -15.83 34.64
CA ALA B 185 -15.25 -17.22 34.35
C ALA B 185 -14.76 -17.64 32.97
N ASN B 186 -15.08 -16.84 31.93
CA ASN B 186 -14.70 -17.26 30.57
C ASN B 186 -13.20 -17.08 30.27
N SER B 187 -12.34 -16.81 31.25
CA SER B 187 -10.93 -16.56 30.99
C SER B 187 -10.08 -17.81 31.14
N PHE B 188 -10.22 -18.53 32.25
CA PHE B 188 -9.27 -19.58 32.60
C PHE B 188 -9.88 -20.97 32.38
N VAL B 189 -9.02 -21.90 31.99
CA VAL B 189 -9.39 -23.31 31.84
C VAL B 189 -8.22 -24.15 32.33
N GLY B 190 -8.50 -25.11 33.21
CA GLY B 190 -7.47 -25.91 33.85
C GLY B 190 -7.24 -27.24 33.14
N THR B 191 -6.43 -28.07 33.79
CA THR B 191 -6.14 -29.40 33.26
C THR B 191 -7.20 -30.41 33.65
N ARG B 192 -7.94 -30.16 34.73
CA ARG B 192 -9.00 -31.04 35.18
C ARG B 192 -10.31 -30.28 35.15
N SER B 193 -11.41 -31.04 35.06
CA SER B 193 -12.73 -30.45 34.94
C SER B 193 -13.69 -31.16 35.89
N TYR B 194 -14.40 -30.36 36.68
CA TYR B 194 -15.45 -30.83 37.57
C TYR B 194 -16.81 -30.29 37.15
N MET B 195 -16.93 -29.81 35.92
CA MET B 195 -18.18 -29.22 35.47
C MET B 195 -19.14 -30.30 34.99
N SER B 196 -20.43 -30.06 35.19
CA SER B 196 -21.43 -31.05 34.81
C SER B 196 -21.57 -31.09 33.29
N PRO B 197 -22.05 -32.23 32.76
CA PRO B 197 -22.27 -32.28 31.30
C PRO B 197 -23.24 -31.24 30.80
N GLU B 198 -24.29 -30.93 31.55
CA GLU B 198 -25.24 -29.94 31.08
C GLU B 198 -24.62 -28.56 31.01
N ARG B 199 -23.71 -28.23 31.93
CA ARG B 199 -23.01 -26.96 31.83
C ARG B 199 -22.09 -26.95 30.62
N LEU B 200 -21.36 -28.04 30.40
CA LEU B 200 -20.49 -28.12 29.24
C LEU B 200 -21.28 -27.96 27.95
N GLN B 201 -22.44 -28.60 27.87
CA GLN B 201 -23.29 -28.48 26.70
C GLN B 201 -24.00 -27.14 26.63
N GLY B 202 -23.80 -26.29 27.63
CA GLY B 202 -24.43 -25.00 27.68
C GLY B 202 -25.91 -25.04 28.00
N THR B 203 -26.43 -26.19 28.42
CA THR B 203 -27.83 -26.29 28.79
C THR B 203 -28.08 -25.59 30.12
N HIS B 204 -29.35 -25.37 30.42
CA HIS B 204 -29.72 -24.75 31.69
C HIS B 204 -29.21 -25.60 32.85
N TYR B 205 -28.53 -24.95 33.78
CA TYR B 205 -27.89 -25.61 34.91
C TYR B 205 -28.40 -25.04 36.22
N SER B 206 -28.51 -25.90 37.22
CA SER B 206 -29.01 -25.51 38.52
C SER B 206 -28.04 -26.04 39.58
N VAL B 207 -28.51 -26.12 40.83
CA VAL B 207 -27.72 -26.72 41.89
C VAL B 207 -27.42 -28.19 41.59
N GLN B 208 -28.19 -28.80 40.66
CA GLN B 208 -27.92 -30.17 40.25
C GLN B 208 -26.53 -30.31 39.65
N SER B 209 -26.02 -29.25 39.01
CA SER B 209 -24.65 -29.29 38.50
C SER B 209 -23.63 -29.36 39.63
N ASP B 210 -23.89 -28.63 40.73
CA ASP B 210 -23.02 -28.71 41.89
C ASP B 210 -22.99 -30.13 42.47
N ILE B 211 -24.10 -30.87 42.34
CA ILE B 211 -24.12 -32.26 42.80
C ILE B 211 -23.13 -33.09 42.00
N TRP B 212 -23.14 -32.96 40.67
CA TRP B 212 -22.18 -33.64 39.84
C TRP B 212 -20.75 -33.37 40.30
N SER B 213 -20.44 -32.09 40.53
CA SER B 213 -19.10 -31.73 40.99
C SER B 213 -18.78 -32.37 42.33
N MET B 214 -19.76 -32.43 43.22
CA MET B 214 -19.53 -33.08 44.51
C MET B 214 -19.24 -34.56 44.31
N GLY B 215 -20.04 -35.23 43.49
CA GLY B 215 -19.82 -36.65 43.25
C GLY B 215 -18.46 -36.91 42.64
N LEU B 216 -18.13 -36.21 41.55
CA LEU B 216 -16.83 -36.38 40.93
C LEU B 216 -15.70 -36.08 41.91
N SER B 217 -15.90 -35.11 42.81
CA SER B 217 -14.87 -34.82 43.81
C SER B 217 -14.69 -35.98 44.77
N LEU B 218 -15.80 -36.56 45.21
CA LEU B 218 -15.73 -37.68 46.16
C LEU B 218 -15.01 -38.87 45.54
N VAL B 219 -15.26 -39.14 44.26
CA VAL B 219 -14.60 -40.26 43.59
C VAL B 219 -13.10 -39.98 43.47
N GLU B 220 -12.72 -38.73 43.24
CA GLU B 220 -11.31 -38.41 43.18
C GLU B 220 -10.66 -38.54 44.56
N MET B 221 -11.32 -37.99 45.59
CA MET B 221 -10.77 -38.05 46.93
C MET B 221 -10.78 -39.47 47.50
N ALA B 222 -11.64 -40.35 47.01
CA ALA B 222 -11.65 -41.73 47.49
C ALA B 222 -10.46 -42.51 46.94
N VAL B 223 -10.26 -42.46 45.61
CA VAL B 223 -9.20 -43.21 44.96
C VAL B 223 -7.88 -42.46 44.89
N GLY B 224 -7.88 -41.16 45.19
CA GLY B 224 -6.66 -40.39 45.14
C GLY B 224 -6.17 -40.12 43.74
N ARG B 225 -7.08 -40.04 42.78
CA ARG B 225 -6.72 -39.85 41.38
C ARG B 225 -7.93 -39.23 40.68
N TYR B 226 -7.67 -38.27 39.81
CA TYR B 226 -8.73 -37.72 38.99
C TYR B 226 -9.32 -38.84 38.16
N PRO B 227 -10.61 -39.16 38.33
CA PRO B 227 -11.14 -40.41 37.79
C PRO B 227 -11.51 -40.38 36.32
N ILE B 228 -11.15 -39.35 35.57
CA ILE B 228 -11.48 -39.29 34.16
C ILE B 228 -10.23 -39.29 33.30
N MET B 235 -3.08 -35.14 27.13
CA MET B 235 -4.47 -35.16 26.69
C MET B 235 -5.04 -33.74 26.58
N ALA B 236 -5.47 -33.37 25.37
CA ALA B 236 -6.08 -32.06 25.16
C ALA B 236 -7.36 -31.93 25.99
N ILE B 237 -7.57 -30.74 26.54
CA ILE B 237 -8.68 -30.55 27.47
C ILE B 237 -10.02 -30.86 26.80
N PHE B 238 -10.11 -30.67 25.48
CA PHE B 238 -11.38 -30.96 24.80
C PHE B 238 -11.75 -32.42 24.92
N GLU B 239 -10.78 -33.33 24.73
CA GLU B 239 -11.05 -34.74 24.93
C GLU B 239 -11.61 -35.01 26.32
N LEU B 240 -11.05 -34.38 27.33
CA LEU B 240 -11.55 -34.56 28.70
C LEU B 240 -12.99 -34.11 28.80
N LEU B 241 -13.28 -32.90 28.33
CA LEU B 241 -14.65 -32.39 28.38
C LEU B 241 -15.59 -33.25 27.57
N ASP B 242 -15.16 -33.67 26.38
CA ASP B 242 -15.99 -34.54 25.55
C ASP B 242 -16.24 -35.88 26.22
N TYR B 243 -15.29 -36.39 27.01
CA TYR B 243 -15.53 -37.63 27.74
C TYR B 243 -16.63 -37.44 28.77
N ILE B 244 -16.59 -36.34 29.51
CA ILE B 244 -17.59 -36.05 30.52
C ILE B 244 -18.99 -35.98 29.92
N VAL B 245 -19.08 -35.56 28.66
CA VAL B 245 -20.37 -35.35 28.01
C VAL B 245 -20.91 -36.62 27.37
N ASN B 246 -20.07 -37.35 26.65
CA ASN B 246 -20.52 -38.48 25.85
C ASN B 246 -20.13 -39.84 26.41
N GLU B 247 -19.24 -39.89 27.39
CA GLU B 247 -18.85 -41.20 27.89
C GLU B 247 -19.41 -41.44 29.29
N PRO B 248 -19.52 -42.69 29.72
CA PRO B 248 -20.19 -42.99 31.01
C PRO B 248 -19.46 -42.39 32.19
N PRO B 249 -20.19 -42.08 33.26
CA PRO B 249 -19.60 -41.43 34.43
C PRO B 249 -18.64 -42.36 35.16
N PRO B 250 -17.71 -41.80 35.92
CA PRO B 250 -16.81 -42.64 36.73
C PRO B 250 -17.55 -43.24 37.92
N LYS B 251 -16.89 -44.22 38.54
CA LYS B 251 -17.43 -44.88 39.72
C LYS B 251 -16.29 -45.40 40.58
N LEU B 252 -16.62 -45.77 41.80
CA LEU B 252 -15.64 -46.25 42.74
C LEU B 252 -15.24 -47.69 42.44
N PRO B 253 -14.04 -48.09 42.84
CA PRO B 253 -13.67 -49.52 42.76
C PRO B 253 -14.62 -50.37 43.60
N SER B 254 -14.80 -51.61 43.15
CA SER B 254 -15.92 -52.42 43.66
C SER B 254 -15.67 -52.89 45.09
N GLY B 255 -14.64 -53.69 45.30
CA GLY B 255 -14.49 -54.36 46.59
C GLY B 255 -14.10 -53.47 47.74
N VAL B 256 -13.72 -52.22 47.48
CA VAL B 256 -13.20 -51.36 48.54
C VAL B 256 -14.35 -50.73 49.34
N PHE B 257 -15.08 -49.82 48.72
CA PHE B 257 -16.02 -48.97 49.43
C PHE B 257 -17.39 -49.65 49.57
N SER B 258 -18.13 -49.21 50.58
CA SER B 258 -19.44 -49.78 50.86
C SER B 258 -20.40 -49.50 49.72
N LEU B 259 -21.45 -50.33 49.65
CA LEU B 259 -22.47 -50.18 48.63
C LEU B 259 -23.22 -48.85 48.77
N GLU B 260 -23.47 -48.40 50.00
CA GLU B 260 -24.17 -47.14 50.20
C GLU B 260 -23.36 -45.97 49.65
N PHE B 261 -22.04 -46.04 49.77
CA PHE B 261 -21.20 -44.99 49.19
C PHE B 261 -21.20 -45.03 47.67
N GLN B 262 -21.12 -46.25 47.10
CA GLN B 262 -21.17 -46.37 45.65
C GLN B 262 -22.49 -45.86 45.11
N ASP B 263 -23.60 -46.21 45.76
CA ASP B 263 -24.90 -45.71 45.34
C ASP B 263 -25.01 -44.20 45.52
N PHE B 264 -24.40 -43.68 46.58
CA PHE B 264 -24.44 -42.25 46.82
C PHE B 264 -23.75 -41.47 45.70
N VAL B 265 -22.53 -41.87 45.34
CA VAL B 265 -21.83 -41.13 44.29
C VAL B 265 -22.48 -41.37 42.93
N ASN B 266 -22.98 -42.59 42.67
CA ASN B 266 -23.54 -42.86 41.35
C ASN B 266 -24.82 -42.08 41.12
N LYS B 267 -25.61 -41.84 42.18
CA LYS B 267 -26.76 -40.97 42.06
C LYS B 267 -26.36 -39.50 41.89
N CYS B 268 -25.16 -39.12 42.35
CA CYS B 268 -24.64 -37.80 42.09
C CYS B 268 -24.13 -37.65 40.66
N LEU B 269 -23.62 -38.73 40.08
CA LEU B 269 -22.99 -38.69 38.76
C LEU B 269 -23.92 -39.21 37.68
N ILE B 270 -25.20 -38.86 37.74
CA ILE B 270 -26.15 -39.18 36.68
C ILE B 270 -26.11 -38.08 35.64
N LYS B 271 -25.93 -38.46 34.38
CA LYS B 271 -25.72 -37.45 33.34
C LYS B 271 -26.92 -36.55 33.17
N ASN B 272 -28.12 -37.10 33.33
CA ASN B 272 -29.34 -36.29 33.22
C ASN B 272 -29.60 -35.56 34.54
N PRO B 273 -29.53 -34.22 34.57
CA PRO B 273 -29.75 -33.52 35.85
C PRO B 273 -31.11 -33.77 36.47
N ALA B 274 -32.14 -34.09 35.67
CA ALA B 274 -33.46 -34.35 36.23
C ALA B 274 -33.50 -35.69 36.98
N GLU B 275 -32.77 -36.69 36.49
CA GLU B 275 -32.71 -37.97 37.18
C GLU B 275 -31.64 -38.00 38.26
N ARG B 276 -30.66 -37.11 38.19
CA ARG B 276 -29.66 -36.99 39.24
C ARG B 276 -30.32 -36.57 40.54
N ALA B 277 -29.83 -37.12 41.66
CA ALA B 277 -30.43 -36.84 42.96
C ALA B 277 -30.29 -35.36 43.31
N ASP B 278 -31.30 -34.83 44.00
CA ASP B 278 -31.25 -33.46 44.47
C ASP B 278 -30.81 -33.45 45.94
N LEU B 279 -30.81 -32.27 46.54
CA LEU B 279 -30.19 -32.11 47.86
C LEU B 279 -31.06 -32.70 48.97
N LYS B 280 -32.38 -32.61 48.85
CA LYS B 280 -33.23 -33.21 49.86
C LYS B 280 -33.16 -34.73 49.82
N GLN B 281 -33.01 -35.31 48.63
CA GLN B 281 -32.87 -36.76 48.53
C GLN B 281 -31.53 -37.23 49.08
N LEU B 282 -30.45 -36.49 48.79
CA LEU B 282 -29.16 -36.86 49.32
C LEU B 282 -29.10 -36.71 50.83
N MET B 283 -29.83 -35.73 51.38
CA MET B 283 -29.82 -35.51 52.83
C MET B 283 -30.35 -36.72 53.58
N VAL B 284 -31.28 -37.46 52.98
CA VAL B 284 -31.91 -38.60 53.63
C VAL B 284 -31.41 -39.92 53.03
N HIS B 285 -30.27 -39.88 52.34
CA HIS B 285 -29.70 -41.09 51.74
C HIS B 285 -29.06 -41.96 52.83
N ALA B 286 -28.98 -43.26 52.52
CA ALA B 286 -28.42 -44.22 53.47
C ALA B 286 -26.98 -43.87 53.85
N PHE B 287 -26.17 -43.45 52.87
CA PHE B 287 -24.80 -43.09 53.18
C PHE B 287 -24.76 -41.91 54.15
N ILE B 288 -25.67 -40.95 54.00
CA ILE B 288 -25.69 -39.79 54.88
C ILE B 288 -26.30 -40.15 56.23
N LYS B 289 -27.40 -40.91 56.22
CA LYS B 289 -28.00 -41.32 57.49
C LYS B 289 -26.97 -42.06 58.35
N ARG B 290 -26.11 -42.85 57.71
CA ARG B 290 -25.07 -43.59 58.44
C ARG B 290 -23.92 -42.66 58.85
N SER B 291 -23.40 -41.87 57.91
CA SER B 291 -22.25 -41.03 58.20
C SER B 291 -22.56 -39.97 59.26
N ASP B 292 -23.80 -39.49 59.30
CA ASP B 292 -24.14 -38.45 60.27
C ASP B 292 -24.29 -39.00 61.68
N ALA B 293 -24.76 -40.24 61.82
CA ALA B 293 -24.82 -40.85 63.15
C ALA B 293 -23.45 -41.27 63.65
N GLU B 294 -22.48 -41.45 62.75
CA GLU B 294 -21.15 -41.88 63.14
C GLU B 294 -20.39 -40.79 63.90
N GLU B 295 -19.55 -41.23 64.84
CA GLU B 295 -18.64 -40.37 65.58
C GLU B 295 -17.27 -40.50 64.93
N VAL B 296 -16.79 -39.42 64.33
CA VAL B 296 -15.51 -39.41 63.64
C VAL B 296 -14.71 -38.24 64.19
N ASP B 297 -13.44 -38.50 64.54
CA ASP B 297 -12.54 -37.45 64.99
C ASP B 297 -11.85 -36.83 63.77
N PHE B 298 -12.62 -36.04 63.02
CA PHE B 298 -12.06 -35.40 61.84
C PHE B 298 -10.93 -34.44 62.20
N ALA B 299 -11.08 -33.69 63.29
CA ALA B 299 -10.00 -32.80 63.72
C ALA B 299 -8.72 -33.57 64.00
N GLY B 300 -8.83 -34.70 64.70
CA GLY B 300 -7.64 -35.50 64.95
C GLY B 300 -7.05 -36.09 63.68
N TRP B 301 -7.91 -36.66 62.83
CA TRP B 301 -7.40 -37.26 61.60
C TRP B 301 -6.72 -36.23 60.73
N LEU B 302 -7.34 -35.06 60.58
CA LEU B 302 -6.76 -33.99 59.78
C LEU B 302 -5.38 -33.60 60.30
N CYS B 303 -5.25 -33.40 61.61
CA CYS B 303 -3.98 -32.99 62.15
C CYS B 303 -2.92 -34.07 61.99
N SER B 304 -3.27 -35.31 62.34
CA SER B 304 -2.28 -36.38 62.31
C SER B 304 -1.87 -36.71 60.88
N THR B 305 -2.73 -36.44 59.90
CA THR B 305 -2.40 -36.78 58.52
C THR B 305 -1.51 -35.71 57.87
N ILE B 306 -1.84 -34.43 58.06
CA ILE B 306 -1.09 -33.36 57.41
C ILE B 306 -0.03 -32.74 58.32
N GLY B 307 -0.08 -33.01 59.63
CA GLY B 307 0.92 -32.51 60.56
C GLY B 307 0.63 -31.13 61.12
N LEU B 308 -0.39 -31.02 61.96
CA LEU B 308 -0.75 -29.74 62.58
C LEU B 308 -0.29 -29.64 64.02
N GLU C 15 11.75 16.70 4.81
CA GLU C 15 13.20 16.57 4.70
C GLU C 15 13.62 16.33 3.26
N LEU C 16 14.35 17.28 2.68
CA LEU C 16 14.79 17.17 1.29
C LEU C 16 16.26 16.76 1.23
N GLY C 17 16.57 15.87 0.29
CA GLY C 17 17.92 15.34 0.17
C GLY C 17 18.57 15.63 -1.17
N GLU C 18 19.42 14.72 -1.61
CA GLU C 18 20.21 14.93 -2.82
C GLU C 18 19.35 14.74 -4.06
N PRO C 19 19.48 15.60 -5.07
CA PRO C 19 18.74 15.41 -6.32
C PRO C 19 19.19 14.15 -7.03
N ILE C 20 18.23 13.47 -7.66
CA ILE C 20 18.50 12.24 -8.41
C ILE C 20 17.90 12.45 -9.80
N GLY C 21 18.67 13.04 -10.70
CA GLY C 21 18.22 13.25 -12.07
C GLY C 21 17.34 14.47 -12.27
N GLN C 22 17.41 15.07 -13.46
CA GLN C 22 16.60 16.23 -13.81
C GLN C 22 15.58 15.85 -14.87
N GLY C 23 14.45 16.54 -14.85
CA GLY C 23 13.36 16.26 -15.78
C GLY C 23 12.63 17.53 -16.15
N ARG C 24 11.62 17.37 -17.01
CA ARG C 24 10.85 18.53 -17.48
C ARG C 24 9.98 19.10 -16.36
N TRP C 25 9.44 18.23 -15.50
CA TRP C 25 8.57 18.65 -14.40
C TRP C 25 9.41 18.76 -13.14
N GLY C 26 10.13 19.88 -13.03
CA GLY C 26 10.91 20.15 -11.84
C GLY C 26 12.02 19.13 -11.63
N ARG C 27 12.51 19.12 -10.39
CA ARG C 27 13.58 18.22 -9.97
C ARG C 27 13.04 17.19 -8.99
N VAL C 28 13.65 16.02 -8.99
CA VAL C 28 13.26 14.92 -8.11
C VAL C 28 14.44 14.61 -7.19
N HIS C 29 14.23 14.77 -5.90
CA HIS C 29 15.25 14.53 -4.88
C HIS C 29 14.94 13.27 -4.09
N ARG C 30 15.97 12.70 -3.48
CA ARG C 30 15.75 11.74 -2.42
C ARG C 30 15.37 12.49 -1.14
N GLY C 31 14.80 11.77 -0.19
CA GLY C 31 14.38 12.43 1.03
C GLY C 31 13.85 11.45 2.06
N ARG C 32 13.42 12.01 3.19
CA ARG C 32 12.84 11.26 4.29
C ARG C 32 11.51 11.89 4.69
N TRP C 33 10.55 11.06 5.05
CA TRP C 33 9.21 11.51 5.42
C TRP C 33 8.88 11.04 6.83
N HIS C 34 8.18 11.89 7.57
CA HIS C 34 7.74 11.59 8.92
C HIS C 34 6.21 11.53 8.94
N GLY C 35 5.66 10.36 9.21
CA GLY C 35 4.22 10.17 9.19
C GLY C 35 3.70 9.46 10.43
N GLU C 36 2.47 9.80 10.81
CA GLU C 36 1.86 9.18 11.98
C GLU C 36 1.63 7.69 11.75
N VAL C 37 2.13 6.87 12.68
CA VAL C 37 2.07 5.42 12.55
C VAL C 37 1.63 4.81 13.88
N ALA C 38 1.37 3.50 13.86
CA ALA C 38 1.06 2.73 15.04
C ALA C 38 2.19 1.74 15.30
N ILE C 39 2.68 1.70 16.53
CA ILE C 39 3.83 0.90 16.89
C ILE C 39 3.42 -0.07 17.99
N ARG C 40 3.52 -1.37 17.71
CA ARG C 40 3.24 -2.39 18.70
C ARG C 40 4.56 -2.93 19.23
N LEU C 41 4.76 -2.83 20.53
CA LEU C 41 5.96 -3.34 21.19
C LEU C 41 5.68 -4.72 21.76
N LEU C 42 6.67 -5.61 21.64
CA LEU C 42 6.56 -6.96 22.18
C LEU C 42 7.87 -7.32 22.87
N GLU C 43 7.77 -8.12 23.93
CA GLU C 43 8.93 -8.57 24.67
C GLU C 43 9.24 -10.01 24.28
N MET C 44 10.48 -10.26 23.87
CA MET C 44 10.94 -11.61 23.53
C MET C 44 11.55 -12.27 24.76
N ASP C 45 11.20 -13.54 24.97
CA ASP C 45 11.67 -14.30 26.15
C ASP C 45 13.19 -14.40 26.22
N ASN C 48 14.62 -19.25 21.16
CA ASN C 48 15.89 -19.35 20.43
C ASN C 48 15.98 -18.34 19.29
N GLN C 49 17.15 -18.29 18.65
CA GLN C 49 17.40 -17.29 17.63
C GLN C 49 16.64 -17.57 16.35
N ASP C 50 16.25 -18.83 16.12
CA ASP C 50 15.50 -19.16 14.93
C ASP C 50 14.13 -18.48 14.91
N HIS C 51 13.67 -17.94 16.05
CA HIS C 51 12.45 -17.16 16.07
C HIS C 51 12.58 -15.91 15.21
N LEU C 52 13.63 -15.12 15.47
CA LEU C 52 13.83 -13.88 14.71
C LEU C 52 14.01 -14.13 13.22
N LYS C 53 14.57 -15.30 12.86
CA LYS C 53 14.74 -15.63 11.44
C LYS C 53 13.39 -15.79 10.75
N LEU C 54 12.47 -16.56 11.35
CA LEU C 54 11.14 -16.72 10.77
C LEU C 54 10.42 -15.38 10.70
N PHE C 55 10.49 -14.59 11.77
CA PHE C 55 9.85 -13.27 11.78
C PHE C 55 10.36 -12.41 10.64
N LYS C 56 11.66 -12.50 10.33
CA LYS C 56 12.22 -11.72 9.24
C LYS C 56 11.63 -12.14 7.91
N LYS C 57 11.51 -13.45 7.68
CA LYS C 57 10.94 -13.94 6.43
C LYS C 57 9.51 -13.46 6.24
N GLU C 58 8.76 -13.30 7.34
CA GLU C 58 7.38 -12.86 7.24
C GLU C 58 7.28 -11.37 6.99
N VAL C 59 8.01 -10.56 7.77
CA VAL C 59 7.89 -9.11 7.64
C VAL C 59 8.37 -8.63 6.28
N MET C 60 9.27 -9.37 5.62
CA MET C 60 9.63 -9.01 4.25
C MET C 60 8.45 -9.18 3.32
N ASN C 61 7.72 -10.29 3.45
CA ASN C 61 6.52 -10.49 2.65
C ASN C 61 5.43 -9.50 3.04
N TYR C 62 5.29 -9.23 4.34
CA TYR C 62 4.26 -8.28 4.78
C TYR C 62 4.56 -6.88 4.25
N ARG C 63 5.84 -6.53 4.16
CA ARG C 63 6.20 -5.19 3.68
C ARG C 63 5.80 -4.97 2.23
N GLN C 64 5.64 -6.05 1.46
CA GLN C 64 5.24 -5.95 0.07
C GLN C 64 3.74 -5.94 -0.15
N THR C 65 2.93 -6.05 0.91
CA THR C 65 1.48 -6.11 0.72
C THR C 65 0.95 -4.74 0.29
N ARG C 66 0.03 -4.75 -0.68
CA ARG C 66 -0.59 -3.51 -1.16
C ARG C 66 -2.07 -3.81 -1.41
N HIS C 67 -2.94 -3.27 -0.57
CA HIS C 67 -4.36 -3.48 -0.76
C HIS C 67 -5.07 -2.49 0.13
N GLU C 68 -6.09 -1.84 -0.43
CA GLU C 68 -6.78 -0.77 0.25
C GLU C 68 -7.69 -1.28 1.37
N ASN C 69 -7.82 -2.59 1.55
CA ASN C 69 -8.51 -3.15 2.69
C ASN C 69 -7.55 -3.81 3.68
N VAL C 70 -6.25 -3.64 3.46
CA VAL C 70 -5.22 -4.18 4.35
C VAL C 70 -4.39 -3.01 4.86
N VAL C 71 -4.11 -3.01 6.16
CA VAL C 71 -3.32 -1.94 6.75
C VAL C 71 -1.91 -1.98 6.17
N LEU C 72 -1.33 -0.80 6.00
CA LEU C 72 0.00 -0.70 5.42
C LEU C 72 1.05 -1.12 6.45
N PHE C 73 1.87 -2.10 6.09
CA PHE C 73 2.89 -2.63 6.99
C PHE C 73 4.20 -1.89 6.74
N MET C 74 4.61 -1.05 7.70
CA MET C 74 5.78 -0.22 7.50
C MET C 74 7.08 -0.98 7.71
N GLY C 75 7.12 -1.85 8.72
CA GLY C 75 8.30 -2.65 8.98
C GLY C 75 8.38 -3.03 10.44
N ALA C 76 9.56 -3.47 10.84
CA ALA C 76 9.78 -3.93 12.21
C ALA C 76 11.18 -3.55 12.67
N CYS C 77 11.27 -2.99 13.86
CA CYS C 77 12.55 -2.64 14.47
C CYS C 77 12.84 -3.68 15.54
N MET C 78 13.71 -4.64 15.22
CA MET C 78 14.10 -5.68 16.16
C MET C 78 15.25 -5.16 17.02
N ASN C 79 14.92 -4.69 18.23
CA ASN C 79 15.92 -4.23 19.20
C ASN C 79 15.84 -5.13 20.43
N PRO C 80 16.57 -6.24 20.45
CA PRO C 80 16.40 -7.25 21.53
C PRO C 80 16.52 -6.62 22.91
N PRO C 81 15.65 -7.00 23.85
CA PRO C 81 14.56 -7.98 23.73
C PRO C 81 13.24 -7.37 23.26
N HIS C 82 13.24 -6.09 22.89
CA HIS C 82 12.02 -5.40 22.50
C HIS C 82 11.83 -5.51 20.99
N LEU C 83 10.65 -5.98 20.57
CA LEU C 83 10.31 -6.07 19.15
C LEU C 83 9.20 -5.08 18.83
N ALA C 84 9.40 -4.25 17.81
CA ALA C 84 8.43 -3.24 17.42
C ALA C 84 7.88 -3.55 16.03
N ILE C 85 6.56 -3.49 15.88
CA ILE C 85 5.90 -3.65 14.59
C ILE C 85 5.23 -2.33 14.23
N ILE C 86 5.60 -1.77 13.08
CA ILE C 86 5.16 -0.45 12.66
C ILE C 86 4.17 -0.61 11.52
N THR C 87 2.93 -0.17 11.74
CA THR C 87 1.92 -0.09 10.69
C THR C 87 1.36 1.33 10.67
N SER C 88 0.65 1.65 9.60
CA SER C 88 0.03 2.96 9.50
C SER C 88 -1.09 3.07 10.54
N PHE C 89 -1.23 4.28 11.11
CA PHE C 89 -2.27 4.51 12.11
C PHE C 89 -3.64 4.52 11.45
N CYS C 90 -4.59 3.78 12.03
CA CYS C 90 -5.93 3.66 11.48
C CYS C 90 -6.87 4.66 12.12
N LYS C 91 -7.35 5.62 11.34
CA LYS C 91 -8.43 6.47 11.81
C LYS C 91 -9.73 5.65 11.83
N GLY C 92 -10.68 6.13 12.63
CA GLY C 92 -11.94 5.43 12.74
C GLY C 92 -12.01 4.51 13.93
N ARG C 93 -13.12 3.77 13.99
CA ARG C 93 -13.41 2.88 15.10
C ARG C 93 -13.20 1.43 14.66
N THR C 94 -13.10 0.56 15.65
CA THR C 94 -13.09 -0.86 15.32
C THR C 94 -14.50 -1.26 14.88
N LEU C 95 -14.57 -2.26 14.01
CA LEU C 95 -15.88 -2.77 13.65
C LEU C 95 -16.60 -3.32 14.87
N HIS C 96 -15.83 -3.77 15.86
CA HIS C 96 -16.40 -4.24 17.11
C HIS C 96 -17.22 -3.15 17.79
N SER C 97 -16.64 -1.97 17.94
CA SER C 97 -17.39 -0.90 18.60
C SER C 97 -18.41 -0.27 17.65
N PHE C 98 -18.17 -0.34 16.34
CA PHE C 98 -19.09 0.27 15.39
C PHE C 98 -20.45 -0.44 15.42
N VAL C 99 -20.44 -1.77 15.49
CA VAL C 99 -21.68 -2.52 15.42
C VAL C 99 -22.39 -2.57 16.76
N ARG C 100 -21.70 -2.29 17.85
CA ARG C 100 -22.31 -2.29 19.17
C ARG C 100 -22.78 -0.92 19.61
N ASP C 101 -22.64 0.09 18.76
CA ASP C 101 -23.17 1.41 19.04
C ASP C 101 -24.63 1.47 18.60
N PRO C 102 -25.59 1.63 19.51
CA PRO C 102 -27.00 1.71 19.08
C PRO C 102 -27.28 2.84 18.10
N LYS C 103 -26.43 3.86 18.05
CA LYS C 103 -26.62 4.97 17.14
C LYS C 103 -26.15 4.64 15.72
N THR C 104 -25.59 3.46 15.52
CA THR C 104 -25.20 2.97 14.21
C THR C 104 -26.39 2.28 13.55
N SER C 105 -26.63 2.59 12.28
CA SER C 105 -27.74 2.01 11.54
C SER C 105 -27.18 1.05 10.51
N LEU C 106 -27.48 -0.24 10.70
CA LEU C 106 -27.04 -1.30 9.81
C LEU C 106 -28.24 -1.82 9.01
N ASP C 107 -27.94 -2.49 7.90
CA ASP C 107 -28.99 -3.08 7.08
C ASP C 107 -28.35 -4.11 6.15
N ILE C 108 -29.20 -4.77 5.36
CA ILE C 108 -28.73 -5.86 4.51
C ILE C 108 -27.69 -5.37 3.51
N ASN C 109 -27.79 -4.10 3.07
CA ASN C 109 -26.80 -3.55 2.16
C ASN C 109 -25.51 -3.16 2.87
N LYS C 110 -25.63 -2.38 3.95
CA LYS C 110 -24.45 -1.95 4.70
C LYS C 110 -23.61 -3.15 5.14
N THR C 111 -24.26 -4.18 5.70
CA THR C 111 -23.49 -5.33 6.19
C THR C 111 -22.80 -6.06 5.05
N ARG C 112 -23.48 -6.21 3.91
CA ARG C 112 -22.85 -6.85 2.76
C ARG C 112 -21.67 -6.02 2.23
N GLN C 113 -21.85 -4.70 2.16
CA GLN C 113 -20.73 -3.86 1.71
C GLN C 113 -19.54 -3.97 2.64
N ILE C 114 -19.77 -3.90 3.96
CA ILE C 114 -18.68 -4.05 4.91
C ILE C 114 -18.03 -5.43 4.78
N ALA C 115 -18.86 -6.48 4.64
CA ALA C 115 -18.30 -7.83 4.53
C ALA C 115 -17.41 -7.96 3.31
N GLN C 116 -17.84 -7.42 2.18
CA GLN C 116 -17.08 -7.60 0.96
C GLN C 116 -15.75 -6.88 1.04
N GLU C 117 -15.70 -5.73 1.71
CA GLU C 117 -14.40 -5.11 1.92
C GLU C 117 -13.49 -6.03 2.72
N ILE C 118 -14.02 -6.70 3.73
CA ILE C 118 -13.19 -7.62 4.50
C ILE C 118 -12.79 -8.80 3.63
N ILE C 119 -13.71 -9.31 2.83
CA ILE C 119 -13.43 -10.47 1.98
C ILE C 119 -12.34 -10.13 0.97
N LYS C 120 -12.39 -8.92 0.41
CA LYS C 120 -11.40 -8.53 -0.59
C LYS C 120 -10.00 -8.46 0.03
N GLY C 121 -9.89 -7.92 1.24
CA GLY C 121 -8.59 -7.86 1.90
C GLY C 121 -8.09 -9.23 2.34
N MET C 122 -8.99 -10.09 2.79
CA MET C 122 -8.60 -11.44 3.17
C MET C 122 -8.22 -12.24 1.94
N GLY C 123 -9.03 -12.17 0.88
CA GLY C 123 -8.69 -12.88 -0.34
C GLY C 123 -7.34 -12.49 -0.86
N TYR C 124 -6.98 -11.21 -0.70
CA TYR C 124 -5.66 -10.76 -1.12
C TYR C 124 -4.56 -11.35 -0.25
N LEU C 125 -4.75 -11.34 1.07
CA LEU C 125 -3.74 -11.91 1.96
C LEU C 125 -3.51 -13.38 1.66
N HIS C 126 -4.60 -14.15 1.44
CA HIS C 126 -4.42 -15.56 1.12
C HIS C 126 -3.77 -15.75 -0.23
N ALA C 127 -4.01 -14.83 -1.17
CA ALA C 127 -3.34 -14.91 -2.46
C ALA C 127 -1.84 -14.68 -2.31
N LYS C 128 -1.43 -13.83 -1.37
CA LYS C 128 -0.03 -13.66 -1.05
C LYS C 128 0.47 -14.71 -0.05
N GLY C 129 -0.34 -15.72 0.26
CA GLY C 129 0.09 -16.80 1.12
C GLY C 129 0.19 -16.42 2.58
N ILE C 130 -0.60 -15.44 3.00
CA ILE C 130 -0.54 -14.94 4.36
C ILE C 130 -1.83 -15.36 5.05
N VAL C 131 -1.70 -16.23 6.04
CA VAL C 131 -2.82 -16.56 6.90
C VAL C 131 -2.91 -15.49 7.98
N HIS C 132 -4.11 -14.95 8.18
CA HIS C 132 -4.26 -13.88 9.16
C HIS C 132 -4.02 -14.40 10.58
N LYS C 133 -4.72 -15.47 10.97
CA LYS C 133 -4.67 -16.16 12.26
C LYS C 133 -5.44 -15.41 13.36
N ASP C 134 -5.86 -14.16 13.16
CA ASP C 134 -6.62 -13.44 14.19
C ASP C 134 -7.57 -12.44 13.54
N LEU C 135 -8.29 -12.86 12.50
CA LEU C 135 -9.32 -12.00 11.94
C LEU C 135 -10.50 -11.93 12.90
N LYS C 136 -10.84 -10.72 13.32
CA LYS C 136 -11.91 -10.48 14.29
C LYS C 136 -12.37 -9.04 14.12
N SER C 137 -13.56 -8.73 14.65
CA SER C 137 -14.09 -7.37 14.50
C SER C 137 -13.23 -6.33 15.21
N LYS C 138 -12.37 -6.73 16.15
CA LYS C 138 -11.49 -5.77 16.78
C LYS C 138 -10.31 -5.40 15.87
N ASN C 139 -9.90 -6.31 14.98
CA ASN C 139 -8.82 -6.05 14.04
C ASN C 139 -9.32 -5.59 12.68
N VAL C 140 -10.51 -5.02 12.63
CA VAL C 140 -11.03 -4.38 11.43
C VAL C 140 -11.41 -2.96 11.82
N PHE C 141 -10.89 -1.98 11.08
CA PHE C 141 -11.17 -0.59 11.36
C PHE C 141 -12.11 0.00 10.31
N TYR C 142 -13.19 0.63 10.78
CA TYR C 142 -14.19 1.26 9.95
C TYR C 142 -14.06 2.77 10.07
N ASP C 143 -14.09 3.48 8.94
CA ASP C 143 -13.87 4.92 8.93
C ASP C 143 -14.70 5.50 7.79
N ASN C 144 -15.95 5.84 8.09
CA ASN C 144 -16.88 6.44 7.13
C ASN C 144 -16.89 5.66 5.82
N GLY C 145 -17.10 4.36 5.93
CA GLY C 145 -17.17 3.49 4.78
C GLY C 145 -15.90 2.71 4.55
N LYS C 146 -14.76 3.33 4.80
CA LYS C 146 -13.49 2.69 4.51
C LYS C 146 -13.21 1.57 5.51
N VAL C 147 -12.91 0.37 5.01
CA VAL C 147 -12.70 -0.83 5.82
C VAL C 147 -11.26 -1.29 5.64
N VAL C 148 -10.53 -1.46 6.75
CA VAL C 148 -9.13 -1.86 6.72
C VAL C 148 -8.87 -2.96 7.76
N ILE C 149 -8.12 -3.98 7.36
CA ILE C 149 -7.82 -5.14 8.21
C ILE C 149 -6.44 -4.96 8.85
N THR C 150 -6.34 -5.23 10.15
CA THR C 150 -5.08 -5.05 10.88
C THR C 150 -4.64 -6.34 11.57
N ASP C 151 -3.37 -6.37 11.99
CA ASP C 151 -2.83 -7.37 12.90
C ASP C 151 -2.85 -8.78 12.31
N PHE C 152 -2.45 -8.89 11.05
CA PHE C 152 -2.36 -10.17 10.36
C PHE C 152 -0.97 -10.76 10.54
N GLY C 153 -0.91 -12.09 10.67
CA GLY C 153 0.34 -12.78 10.93
C GLY C 153 1.04 -12.40 12.21
N LEU C 154 0.34 -12.50 13.35
CA LEU C 154 0.92 -12.15 14.64
C LEU C 154 0.77 -13.25 15.68
N PHE C 155 0.30 -14.43 15.29
CA PHE C 155 0.15 -15.54 16.22
C PHE C 155 1.23 -16.60 16.08
N GLY C 156 2.05 -16.54 15.03
CA GLY C 156 3.19 -17.42 14.88
C GLY C 156 4.45 -16.98 15.56
N ILE C 157 4.42 -15.81 16.21
CA ILE C 157 5.62 -15.32 16.88
C ILE C 157 5.83 -16.11 18.16
N SER C 158 7.02 -15.94 18.74
CA SER C 158 7.42 -16.63 19.96
C SER C 158 7.93 -15.57 20.96
N GLY C 159 7.07 -15.13 21.88
CA GLY C 159 7.50 -14.16 22.87
C GLY C 159 6.87 -14.26 24.25
N VAL C 160 6.79 -13.13 24.96
CA VAL C 160 6.27 -13.15 26.31
C VAL C 160 4.74 -13.16 26.32
N ASN C 168 -0.08 -24.57 33.42
CA ASN C 168 -1.15 -25.47 33.83
C ASN C 168 -2.52 -24.80 33.67
N GLN C 169 -2.57 -23.68 32.95
CA GLN C 169 -3.81 -22.96 32.74
C GLN C 169 -3.70 -22.12 31.47
N LEU C 170 -4.76 -22.17 30.66
CA LEU C 170 -4.90 -21.30 29.49
C LEU C 170 -5.74 -20.08 29.85
N LYS C 171 -5.40 -18.95 29.24
CA LYS C 171 -6.15 -17.70 29.40
C LYS C 171 -6.78 -17.36 28.07
N LEU C 172 -8.07 -17.63 27.93
CA LEU C 172 -8.82 -17.43 26.70
C LEU C 172 -9.90 -16.40 26.92
N SER C 173 -9.95 -15.37 26.08
CA SER C 173 -11.02 -14.40 26.21
C SER C 173 -12.29 -14.91 25.55
N HIS C 174 -13.43 -14.41 26.03
CA HIS C 174 -14.70 -14.76 25.41
C HIS C 174 -14.79 -14.26 23.98
N ASP C 175 -14.27 -13.06 23.72
CA ASP C 175 -14.29 -12.52 22.37
C ASP C 175 -13.54 -13.45 21.42
N TRP C 176 -12.32 -13.86 21.79
CA TRP C 176 -11.46 -14.65 20.91
C TRP C 176 -12.05 -16.03 20.63
N LEU C 177 -12.65 -16.66 21.64
CA LEU C 177 -13.22 -18.00 21.46
C LEU C 177 -14.32 -18.00 20.40
N CYS C 178 -15.13 -16.93 20.33
CA CYS C 178 -16.18 -16.88 19.33
C CYS C 178 -15.63 -16.93 17.90
N TYR C 179 -14.37 -16.55 17.69
CA TYR C 179 -13.78 -16.56 16.37
C TYR C 179 -13.00 -17.83 16.06
N LEU C 180 -12.73 -18.68 17.05
CA LEU C 180 -11.87 -19.85 16.86
C LEU C 180 -12.65 -21.03 16.30
N ALA C 181 -12.09 -21.68 15.27
CA ALA C 181 -12.65 -22.85 14.63
C ALA C 181 -12.48 -24.09 15.50
N PRO C 182 -13.37 -25.08 15.31
CA PRO C 182 -13.32 -26.29 16.15
C PRO C 182 -11.98 -26.99 16.19
N GLU C 183 -11.28 -27.06 15.05
CA GLU C 183 -10.01 -27.76 15.04
C GLU C 183 -8.98 -27.06 15.93
N ILE C 184 -9.07 -25.74 16.10
CA ILE C 184 -8.09 -25.04 16.93
C ILE C 184 -8.38 -25.29 18.40
N VAL C 185 -9.63 -25.18 18.82
CA VAL C 185 -9.96 -25.34 20.24
C VAL C 185 -9.85 -26.80 20.66
N ARG C 186 -9.90 -27.73 19.71
CA ARG C 186 -9.72 -29.13 20.06
C ARG C 186 -8.27 -29.45 20.42
N GLU C 187 -7.30 -28.79 19.77
CA GLU C 187 -5.89 -28.99 20.13
C GLU C 187 -5.45 -28.12 21.29
N MET C 188 -6.32 -27.26 21.81
CA MET C 188 -5.96 -26.40 22.93
C MET C 188 -5.83 -27.22 24.20
N THR C 189 -4.76 -26.97 24.96
CA THR C 189 -4.47 -27.69 26.19
C THR C 189 -3.41 -26.92 26.96
N PRO C 190 -3.52 -26.83 28.28
CA PRO C 190 -2.56 -26.05 29.06
C PRO C 190 -1.13 -26.56 28.86
N GLY C 191 -0.22 -25.64 28.55
CA GLY C 191 1.18 -25.94 28.38
C GLY C 191 1.64 -25.92 26.94
N LYS C 192 0.72 -26.08 25.99
CA LYS C 192 1.05 -26.06 24.57
C LYS C 192 1.18 -24.62 24.08
N ASP C 193 2.24 -24.36 23.31
CA ASP C 193 2.41 -23.05 22.69
C ASP C 193 1.29 -22.79 21.68
N GLU C 194 0.89 -21.53 21.59
CA GLU C 194 -0.19 -21.15 20.68
C GLU C 194 0.22 -21.29 19.22
N ASP C 195 1.52 -21.14 18.92
CA ASP C 195 2.02 -21.28 17.55
C ASP C 195 1.94 -22.72 17.04
N GLN C 196 1.51 -23.68 17.86
CA GLN C 196 1.25 -25.03 17.40
C GLN C 196 -0.22 -25.29 17.12
N LEU C 197 -1.05 -24.28 17.25
CA LEU C 197 -2.46 -24.49 16.95
C LEU C 197 -2.69 -24.45 15.44
N PRO C 198 -3.62 -25.23 14.91
CA PRO C 198 -3.84 -25.25 13.46
C PRO C 198 -4.57 -24.03 12.91
N PHE C 199 -3.89 -22.89 12.93
CA PHE C 199 -4.34 -21.75 12.14
C PHE C 199 -4.21 -22.05 10.66
N SER C 200 -5.13 -21.49 9.86
CA SER C 200 -5.22 -21.85 8.45
C SER C 200 -6.14 -20.87 7.74
N LYS C 201 -6.05 -20.87 6.41
CA LYS C 201 -7.02 -20.12 5.62
C LYS C 201 -8.45 -20.50 6.00
N ALA C 202 -8.71 -21.81 6.12
CA ALA C 202 -10.06 -22.25 6.48
C ALA C 202 -10.48 -21.71 7.84
N ALA C 203 -9.56 -21.75 8.81
CA ALA C 203 -9.82 -21.12 10.10
C ALA C 203 -10.07 -19.62 9.95
N ASP C 204 -9.34 -18.93 9.04
CA ASP C 204 -9.62 -17.52 8.78
C ASP C 204 -11.05 -17.32 8.28
N VAL C 205 -11.51 -18.20 7.38
CA VAL C 205 -12.88 -18.14 6.92
C VAL C 205 -13.84 -18.29 8.09
N TYR C 206 -13.58 -19.25 8.97
CA TYR C 206 -14.42 -19.46 10.14
C TYR C 206 -14.52 -18.20 10.98
N ALA C 207 -13.39 -17.54 11.23
CA ALA C 207 -13.42 -16.27 11.94
C ALA C 207 -14.28 -15.26 11.19
N PHE C 208 -14.20 -15.22 9.86
CA PHE C 208 -15.06 -14.31 9.12
C PHE C 208 -16.53 -14.64 9.36
N GLY C 209 -16.85 -15.93 9.44
CA GLY C 209 -18.21 -16.32 9.84
C GLY C 209 -18.68 -15.61 11.09
N THR C 210 -17.80 -15.49 12.09
CA THR C 210 -18.19 -14.77 13.30
C THR C 210 -18.32 -13.27 13.03
N VAL C 211 -17.41 -12.72 12.22
CA VAL C 211 -17.55 -11.32 11.84
C VAL C 211 -18.89 -11.08 11.14
N TRP C 212 -19.28 -12.02 10.27
CA TRP C 212 -20.57 -11.89 9.58
C TRP C 212 -21.73 -11.99 10.56
N TYR C 213 -21.58 -12.79 11.61
CA TYR C 213 -22.60 -12.86 12.66
C TYR C 213 -22.74 -11.53 13.38
N GLU C 214 -21.61 -10.95 13.82
CA GLU C 214 -21.67 -9.66 14.51
C GLU C 214 -22.36 -8.60 13.66
N LEU C 215 -22.15 -8.63 12.35
CA LEU C 215 -22.82 -7.69 11.45
C LEU C 215 -24.32 -7.90 11.40
N GLN C 216 -24.82 -9.08 11.78
CA GLN C 216 -26.25 -9.34 11.80
C GLN C 216 -26.85 -9.16 13.19
N ALA C 217 -26.20 -9.71 14.22
CA ALA C 217 -26.78 -9.74 15.55
C ALA C 217 -26.20 -8.69 16.50
N ARG C 218 -25.18 -7.94 16.08
CA ARG C 218 -24.56 -6.90 16.91
C ARG C 218 -24.07 -7.45 18.25
N ASP C 219 -23.74 -8.73 18.33
CA ASP C 219 -23.36 -9.34 19.60
C ASP C 219 -22.61 -10.64 19.32
N TRP C 220 -22.05 -11.22 20.38
CA TRP C 220 -21.30 -12.46 20.25
C TRP C 220 -22.24 -13.64 19.97
N PRO C 221 -21.77 -14.67 19.27
CA PRO C 221 -22.65 -15.83 18.99
C PRO C 221 -22.86 -16.73 20.20
N LEU C 222 -21.91 -16.80 21.13
CA LEU C 222 -22.04 -17.66 22.30
C LEU C 222 -22.25 -16.83 23.57
N LYS C 223 -23.14 -17.31 24.44
CA LYS C 223 -23.34 -16.62 25.70
C LYS C 223 -22.06 -16.68 26.52
N ASN C 224 -21.83 -15.62 27.29
CA ASN C 224 -20.69 -15.61 28.20
C ASN C 224 -20.88 -16.70 29.25
N GLN C 225 -19.90 -17.59 29.38
CA GLN C 225 -20.02 -18.78 30.20
C GLN C 225 -18.61 -19.24 30.55
N ALA C 226 -18.49 -20.42 31.15
CA ALA C 226 -17.17 -20.94 31.50
C ALA C 226 -16.39 -21.28 30.23
N ALA C 227 -15.09 -20.96 30.24
CA ALA C 227 -14.28 -21.21 29.06
C ALA C 227 -14.31 -22.70 28.68
N GLU C 228 -14.44 -23.58 29.68
CA GLU C 228 -14.53 -25.01 29.39
C GLU C 228 -15.76 -25.31 28.55
N ALA C 229 -16.91 -24.76 28.96
CA ALA C 229 -18.15 -24.97 28.21
C ALA C 229 -18.04 -24.41 26.80
N SER C 230 -17.37 -23.26 26.65
CA SER C 230 -17.15 -22.72 25.33
C SER C 230 -16.30 -23.67 24.48
N ILE C 231 -15.27 -24.27 25.08
CA ILE C 231 -14.36 -25.11 24.31
C ILE C 231 -15.09 -26.32 23.75
N TRP C 232 -15.92 -26.96 24.58
CA TRP C 232 -16.62 -28.14 24.09
C TRP C 232 -17.69 -27.77 23.06
N GLN C 233 -18.46 -26.72 23.33
CA GLN C 233 -19.50 -26.34 22.39
C GLN C 233 -18.93 -25.95 21.02
N ILE C 234 -17.72 -25.38 21.00
CA ILE C 234 -17.07 -25.06 19.74
C ILE C 234 -16.39 -26.29 19.15
N GLY C 235 -15.65 -27.04 19.98
CA GLY C 235 -14.94 -28.20 19.49
C GLY C 235 -15.85 -29.31 19.01
N SER C 236 -17.05 -29.41 19.57
CA SER C 236 -17.98 -30.46 19.16
C SER C 236 -18.90 -30.02 18.03
N GLY C 237 -18.89 -28.75 17.65
CA GLY C 237 -19.77 -28.23 16.63
C GLY C 237 -21.21 -28.02 17.05
N GLU C 238 -21.57 -28.32 18.29
CA GLU C 238 -22.97 -28.22 18.70
C GLU C 238 -23.38 -26.77 19.00
N GLY C 239 -22.44 -25.95 19.48
CA GLY C 239 -22.73 -24.56 19.76
C GLY C 239 -23.21 -23.78 18.55
N MET C 240 -22.38 -23.73 17.51
CA MET C 240 -22.76 -23.05 16.27
C MET C 240 -24.04 -23.62 15.66
N LYS C 241 -24.31 -24.91 15.86
CA LYS C 241 -25.57 -25.47 15.36
C LYS C 241 -26.76 -24.86 16.08
N ARG C 242 -26.68 -24.76 17.41
CA ARG C 242 -27.76 -24.15 18.16
C ARG C 242 -27.96 -22.70 17.76
N VAL C 243 -26.87 -21.98 17.49
CA VAL C 243 -26.97 -20.58 17.07
C VAL C 243 -27.71 -20.48 15.74
N LEU C 244 -27.26 -21.25 14.74
CA LEU C 244 -27.88 -21.24 13.42
C LEU C 244 -29.33 -21.72 13.45
N THR C 245 -29.71 -22.49 14.47
CA THR C 245 -31.08 -22.94 14.64
C THR C 245 -31.92 -21.92 15.40
N SER C 246 -31.48 -21.54 16.60
CA SER C 246 -32.28 -20.63 17.43
C SER C 246 -32.37 -19.24 16.81
N VAL C 247 -31.23 -18.67 16.43
CA VAL C 247 -31.23 -17.32 15.85
C VAL C 247 -31.82 -17.38 14.45
N SER C 248 -32.86 -16.59 14.22
CA SER C 248 -33.58 -16.58 12.94
C SER C 248 -33.18 -15.32 12.15
N LEU C 249 -32.22 -15.48 11.25
CA LEU C 249 -31.85 -14.45 10.30
C LEU C 249 -32.39 -14.85 8.92
N GLY C 250 -32.06 -14.05 7.91
CA GLY C 250 -32.47 -14.37 6.55
C GLY C 250 -31.88 -15.70 6.11
N LYS C 251 -32.66 -16.44 5.32
CA LYS C 251 -32.20 -17.74 4.87
C LYS C 251 -30.90 -17.63 4.09
N GLU C 252 -30.81 -16.66 3.18
CA GLU C 252 -29.57 -16.43 2.45
C GLU C 252 -28.44 -15.96 3.38
N VAL C 253 -28.77 -15.11 4.36
CA VAL C 253 -27.77 -14.67 5.34
C VAL C 253 -27.28 -15.84 6.16
N SER C 254 -28.20 -16.73 6.53
CA SER C 254 -27.81 -17.89 7.33
C SER C 254 -26.94 -18.86 6.54
N GLU C 255 -27.16 -18.98 5.22
CA GLU C 255 -26.36 -19.91 4.43
C GLU C 255 -24.88 -19.53 4.44
N ILE C 256 -24.58 -18.25 4.21
CA ILE C 256 -23.21 -17.77 4.30
C ILE C 256 -22.63 -18.12 5.66
N LEU C 257 -23.43 -17.99 6.71
CA LEU C 257 -22.97 -18.28 8.07
C LEU C 257 -22.64 -19.75 8.23
N SER C 258 -23.50 -20.63 7.73
CA SER C 258 -23.24 -22.04 7.93
C SER C 258 -22.08 -22.52 7.06
N ALA C 259 -21.81 -21.83 5.94
CA ALA C 259 -20.68 -22.21 5.10
C ALA C 259 -19.36 -21.87 5.79
N CYS C 260 -19.26 -20.65 6.34
CA CYS C 260 -18.03 -20.25 7.00
C CYS C 260 -17.78 -21.04 8.27
N TRP C 261 -18.84 -21.41 8.98
CA TRP C 261 -18.74 -22.12 10.25
C TRP C 261 -18.75 -23.63 10.09
N ALA C 262 -18.52 -24.14 8.89
CA ALA C 262 -18.65 -25.58 8.64
C ALA C 262 -17.71 -26.36 9.54
N PHE C 263 -18.24 -27.41 10.18
CA PHE C 263 -17.44 -28.20 11.11
C PHE C 263 -16.21 -28.77 10.41
N ASP C 264 -16.42 -29.45 9.29
CA ASP C 264 -15.33 -29.88 8.44
C ASP C 264 -14.69 -28.65 7.81
N LEU C 265 -13.43 -28.39 8.15
CA LEU C 265 -12.78 -27.20 7.60
C LEU C 265 -12.69 -27.26 6.09
N GLN C 266 -12.62 -28.46 5.52
CA GLN C 266 -12.53 -28.61 4.08
C GLN C 266 -13.82 -28.20 3.37
N GLU C 267 -14.93 -28.09 4.08
CA GLU C 267 -16.19 -27.67 3.48
C GLU C 267 -16.39 -26.16 3.55
N ARG C 268 -15.53 -25.44 4.26
CA ARG C 268 -15.65 -23.99 4.30
C ARG C 268 -15.18 -23.40 2.97
N PRO C 269 -15.89 -22.42 2.44
CA PRO C 269 -15.49 -21.85 1.14
C PRO C 269 -14.21 -21.05 1.27
N SER C 270 -13.66 -20.70 0.11
CA SER C 270 -12.58 -19.73 0.06
C SER C 270 -13.15 -18.32 0.12
N PHE C 271 -12.26 -17.34 0.28
CA PHE C 271 -12.73 -15.96 0.24
C PHE C 271 -13.15 -15.54 -1.17
N SER C 272 -12.48 -16.04 -2.21
CA SER C 272 -12.91 -15.67 -3.55
C SER C 272 -14.31 -16.21 -3.83
N LEU C 273 -14.62 -17.40 -3.31
CA LEU C 273 -15.99 -17.91 -3.41
C LEU C 273 -16.95 -17.13 -2.52
N LEU C 274 -16.51 -16.69 -1.33
CA LEU C 274 -17.39 -15.92 -0.46
C LEU C 274 -17.81 -14.62 -1.12
N MET C 275 -16.93 -14.00 -1.91
CA MET C 275 -17.28 -12.76 -2.58
C MET C 275 -18.53 -12.94 -3.43
N ASP C 276 -18.61 -14.04 -4.17
CA ASP C 276 -19.79 -14.29 -4.99
C ASP C 276 -21.01 -14.57 -4.14
N MET C 277 -20.86 -15.40 -3.08
CA MET C 277 -21.98 -15.69 -2.19
C MET C 277 -22.56 -14.41 -1.60
N LEU C 278 -21.70 -13.50 -1.16
CA LEU C 278 -22.17 -12.23 -0.63
C LEU C 278 -22.84 -11.40 -1.72
N GLU C 279 -22.29 -11.42 -2.92
CA GLU C 279 -22.79 -10.56 -3.98
C GLU C 279 -24.22 -10.92 -4.36
N LYS C 280 -24.60 -12.19 -4.23
CA LYS C 280 -25.93 -12.64 -4.62
C LYS C 280 -26.91 -12.66 -3.44
N LEU C 281 -26.75 -11.73 -2.48
CA LEU C 281 -27.69 -11.58 -1.38
C LEU C 281 -28.82 -10.62 -1.77
N PRO C 282 -29.95 -10.68 -1.07
CA PRO C 282 -31.01 -9.70 -1.24
C PRO C 282 -30.56 -8.26 -0.96
N VAL D 14 10.78 6.61 14.17
CA VAL D 14 10.33 5.59 15.12
C VAL D 14 10.08 6.21 16.49
N GLU D 15 9.97 7.54 16.52
CA GLU D 15 9.68 8.26 17.77
C GLU D 15 8.38 7.77 18.39
N LEU D 16 8.43 7.47 19.69
CA LEU D 16 7.28 6.91 20.38
C LEU D 16 6.19 7.95 20.55
N GLY D 17 5.09 7.53 21.17
CA GLY D 17 3.98 8.43 21.42
C GLY D 17 3.08 7.86 22.48
N GLU D 18 1.91 8.48 22.62
CA GLU D 18 0.98 8.11 23.69
C GLU D 18 0.44 6.70 23.43
N PRO D 19 0.35 5.87 24.46
CA PRO D 19 -0.30 4.56 24.27
C PRO D 19 -1.79 4.72 23.97
N ILE D 20 -2.26 3.96 23.00
CA ILE D 20 -3.66 4.00 22.59
C ILE D 20 -4.50 2.99 23.37
N GLY D 21 -4.06 1.73 23.42
CA GLY D 21 -4.78 0.71 24.16
C GLY D 21 -3.85 -0.44 24.49
N GLN D 22 -4.40 -1.40 25.24
CA GLN D 22 -3.66 -2.60 25.64
C GLN D 22 -4.43 -3.84 25.21
N GLY D 23 -3.69 -4.87 24.81
CA GLY D 23 -4.29 -6.15 24.46
C GLY D 23 -3.40 -7.32 24.81
N ARG D 24 -3.75 -8.51 24.34
CA ARG D 24 -2.91 -9.69 24.57
C ARG D 24 -1.53 -9.53 23.94
N TRP D 25 -1.44 -8.81 22.83
CA TRP D 25 -0.17 -8.67 22.12
C TRP D 25 0.47 -7.31 22.44
N GLY D 26 1.02 -7.22 23.63
CA GLY D 26 1.71 -6.02 24.04
C GLY D 26 0.82 -4.78 24.07
N ARG D 27 1.48 -3.64 23.92
CA ARG D 27 0.85 -2.35 23.92
C ARG D 27 1.07 -1.68 22.56
N VAL D 28 0.11 -0.83 22.19
CA VAL D 28 0.16 -0.10 20.93
C VAL D 28 0.19 1.39 21.26
N HIS D 29 1.09 2.12 20.61
CA HIS D 29 1.23 3.55 20.84
C HIS D 29 1.13 4.31 19.53
N ARG D 30 0.63 5.54 19.62
CA ARG D 30 0.78 6.49 18.53
C ARG D 30 2.27 6.78 18.30
N GLY D 31 2.62 7.16 17.08
CA GLY D 31 4.01 7.47 16.81
C GLY D 31 4.22 8.11 15.46
N ARG D 32 5.50 8.26 15.10
CA ARG D 32 5.92 8.77 13.81
C ARG D 32 7.12 7.97 13.34
N TRP D 33 7.31 7.92 12.02
CA TRP D 33 8.38 7.09 11.44
C TRP D 33 9.08 7.87 10.33
N HIS D 34 10.41 7.72 10.27
CA HIS D 34 11.22 8.31 9.22
C HIS D 34 11.46 7.26 8.15
N GLY D 35 10.90 7.49 6.96
CA GLY D 35 10.95 6.52 5.89
C GLY D 35 11.56 7.10 4.62
N GLU D 36 12.22 6.23 3.84
CA GLU D 36 12.82 6.62 2.59
C GLU D 36 11.73 6.94 1.57
N VAL D 37 11.76 8.16 1.02
CA VAL D 37 10.73 8.62 0.09
C VAL D 37 11.39 9.46 -1.01
N ALA D 38 10.64 9.64 -2.10
CA ALA D 38 11.04 10.52 -3.19
C ALA D 38 10.17 11.77 -3.17
N ILE D 39 10.76 12.91 -3.56
CA ILE D 39 10.08 14.20 -3.52
C ILE D 39 10.28 14.89 -4.85
N ARG D 40 9.19 15.41 -5.42
CA ARG D 40 9.22 16.16 -6.67
C ARG D 40 8.74 17.58 -6.40
N LEU D 41 9.60 18.55 -6.68
CA LEU D 41 9.31 19.95 -6.42
C LEU D 41 8.85 20.65 -7.70
N LEU D 42 7.80 21.47 -7.57
CA LEU D 42 7.18 22.12 -8.72
C LEU D 42 6.79 23.54 -8.35
N GLU D 43 7.12 24.50 -9.22
CA GLU D 43 6.73 25.89 -9.04
C GLU D 43 5.56 26.24 -9.95
N MET D 44 4.69 27.12 -9.46
CA MET D 44 3.51 27.53 -10.22
C MET D 44 3.42 29.06 -10.34
N LEU D 52 -5.57 24.32 -9.29
CA LEU D 52 -5.05 24.31 -7.92
C LEU D 52 -5.99 23.56 -6.99
N LYS D 53 -7.28 23.94 -7.02
CA LYS D 53 -8.27 23.22 -6.24
C LYS D 53 -8.41 21.77 -6.71
N LEU D 54 -8.19 21.51 -8.00
CA LEU D 54 -8.21 20.15 -8.50
C LEU D 54 -7.11 19.31 -7.88
N PHE D 55 -5.96 19.92 -7.57
CA PHE D 55 -4.90 19.20 -6.89
C PHE D 55 -5.39 18.66 -5.55
N LYS D 56 -6.07 19.50 -4.76
CA LYS D 56 -6.57 19.07 -3.47
C LYS D 56 -7.53 17.89 -3.62
N LYS D 57 -8.44 17.95 -4.59
CA LYS D 57 -9.38 16.85 -4.80
C LYS D 57 -8.66 15.59 -5.30
N GLU D 58 -7.65 15.76 -6.15
CA GLU D 58 -6.96 14.61 -6.73
C GLU D 58 -6.08 13.91 -5.70
N VAL D 59 -5.26 14.68 -4.97
CA VAL D 59 -4.29 14.07 -4.07
C VAL D 59 -4.98 13.26 -2.97
N MET D 60 -6.19 13.66 -2.57
CA MET D 60 -6.92 12.85 -1.61
C MET D 60 -7.26 11.48 -2.21
N ASN D 61 -7.62 11.44 -3.49
CA ASN D 61 -7.89 10.17 -4.15
C ASN D 61 -6.59 9.41 -4.41
N TYR D 62 -5.50 10.13 -4.69
CA TYR D 62 -4.23 9.48 -4.99
C TYR D 62 -3.63 8.81 -3.75
N ARG D 63 -3.82 9.41 -2.58
CA ARG D 63 -3.26 8.86 -1.34
C ARG D 63 -3.94 7.56 -0.92
N GLN D 64 -5.18 7.32 -1.34
CA GLN D 64 -5.89 6.09 -1.04
C GLN D 64 -5.55 4.95 -1.98
N THR D 65 -4.69 5.16 -2.98
CA THR D 65 -4.38 4.10 -3.94
C THR D 65 -3.50 3.04 -3.28
N ARG D 66 -3.82 1.77 -3.54
CA ARG D 66 -3.08 0.64 -2.98
C ARG D 66 -3.06 -0.44 -4.06
N HIS D 67 -1.87 -0.74 -4.56
CA HIS D 67 -1.70 -1.75 -5.58
C HIS D 67 -0.21 -1.99 -5.69
N GLU D 68 0.18 -3.25 -5.71
CA GLU D 68 1.59 -3.57 -5.72
C GLU D 68 2.25 -3.35 -7.07
N ASN D 69 1.51 -2.87 -8.07
CA ASN D 69 2.09 -2.39 -9.31
C ASN D 69 1.98 -0.88 -9.45
N VAL D 70 1.60 -0.17 -8.39
CA VAL D 70 1.51 1.28 -8.38
C VAL D 70 2.34 1.81 -7.23
N VAL D 71 3.12 2.87 -7.49
CA VAL D 71 3.95 3.45 -6.44
C VAL D 71 3.07 4.04 -5.35
N LEU D 72 3.55 3.98 -4.12
CA LEU D 72 2.80 4.52 -2.99
C LEU D 72 2.82 6.04 -3.04
N PHE D 73 1.65 6.65 -2.91
CA PHE D 73 1.51 8.10 -2.93
C PHE D 73 1.38 8.58 -1.49
N MET D 74 2.50 9.06 -0.93
CA MET D 74 2.51 9.46 0.47
C MET D 74 1.64 10.70 0.71
N GLY D 75 1.71 11.68 -0.17
CA GLY D 75 0.95 12.90 0.00
C GLY D 75 1.59 14.06 -0.76
N ALA D 76 1.17 15.27 -0.38
CA ALA D 76 1.67 16.47 -1.03
C ALA D 76 1.52 17.66 -0.09
N CYS D 77 2.58 18.48 0.00
CA CYS D 77 2.55 19.73 0.74
C CYS D 77 2.73 20.90 -0.21
N MET D 78 2.04 22.00 0.07
CA MET D 78 2.01 23.17 -0.81
C MET D 78 2.49 24.39 -0.01
N ASN D 79 3.82 24.51 0.13
CA ASN D 79 4.41 25.72 0.68
C ASN D 79 4.85 26.60 -0.47
N PRO D 80 4.15 27.69 -0.77
CA PRO D 80 4.51 28.53 -1.92
C PRO D 80 5.93 29.06 -1.78
N PRO D 81 6.68 29.15 -2.87
CA PRO D 81 6.28 28.91 -4.27
C PRO D 81 6.50 27.49 -4.79
N HIS D 82 6.63 26.49 -3.93
CA HIS D 82 6.94 25.13 -4.37
C HIS D 82 5.81 24.18 -4.01
N LEU D 83 5.52 23.24 -4.92
CA LEU D 83 4.52 22.20 -4.71
C LEU D 83 5.25 20.87 -4.67
N ALA D 84 5.35 20.27 -3.48
CA ALA D 84 6.08 19.02 -3.29
C ALA D 84 5.12 17.84 -3.36
N ILE D 85 5.50 16.83 -4.14
CA ILE D 85 4.75 15.58 -4.23
C ILE D 85 5.63 14.47 -3.68
N ILE D 86 5.11 13.69 -2.75
CA ILE D 86 5.88 12.72 -2.00
C ILE D 86 5.38 11.32 -2.33
N THR D 87 6.28 10.48 -2.83
CA THR D 87 5.97 9.09 -3.14
C THR D 87 7.07 8.19 -2.60
N SER D 88 6.83 6.89 -2.65
CA SER D 88 7.84 5.94 -2.26
C SER D 88 9.01 5.99 -3.23
N PHE D 89 10.23 5.88 -2.71
CA PHE D 89 11.40 5.79 -3.55
C PHE D 89 11.50 4.39 -4.14
N CYS D 90 11.58 4.29 -5.47
CA CYS D 90 11.56 3.00 -6.14
C CYS D 90 12.98 2.50 -6.40
N LYS D 91 13.26 1.27 -5.96
CA LYS D 91 14.52 0.64 -6.30
C LYS D 91 14.43 0.03 -7.69
N GLY D 92 15.58 -0.36 -8.23
CA GLY D 92 15.60 -0.99 -9.52
C GLY D 92 15.85 -0.01 -10.65
N ARG D 93 15.76 -0.52 -11.87
CA ARG D 93 16.01 0.25 -13.08
C ARG D 93 14.70 0.54 -13.80
N THR D 94 14.65 1.69 -14.47
CA THR D 94 13.50 2.01 -15.32
C THR D 94 13.39 1.00 -16.44
N LEU D 95 12.14 0.69 -16.80
CA LEU D 95 11.90 -0.17 -17.95
C LEU D 95 12.54 0.38 -19.21
N HIS D 96 12.73 1.70 -19.28
CA HIS D 96 13.48 2.29 -20.39
C HIS D 96 14.91 1.75 -20.44
N SER D 97 15.63 1.83 -19.32
CA SER D 97 17.01 1.36 -19.32
C SER D 97 17.07 -0.16 -19.39
N PHE D 98 16.07 -0.85 -18.83
CA PHE D 98 16.06 -2.30 -18.79
C PHE D 98 16.03 -2.90 -20.19
N VAL D 99 15.07 -2.48 -21.01
CA VAL D 99 14.95 -3.07 -22.33
C VAL D 99 16.12 -2.65 -23.22
N ARG D 100 16.75 -1.51 -22.92
CA ARG D 100 17.85 -0.99 -23.71
C ARG D 100 19.21 -1.47 -23.23
N ASP D 101 19.25 -2.54 -22.44
CA ASP D 101 20.49 -3.14 -21.96
C ASP D 101 20.75 -4.44 -22.70
N PRO D 102 21.87 -4.58 -23.40
CA PRO D 102 22.11 -5.79 -24.19
C PRO D 102 22.02 -7.08 -23.39
N LYS D 103 22.39 -7.05 -22.10
CA LYS D 103 22.36 -8.27 -21.31
C LYS D 103 20.93 -8.71 -21.00
N THR D 104 20.01 -7.74 -20.92
CA THR D 104 18.62 -8.03 -20.58
C THR D 104 18.03 -9.07 -21.53
N SER D 105 17.70 -10.24 -21.01
CA SER D 105 17.19 -11.32 -21.84
C SER D 105 15.66 -11.26 -21.82
N LEU D 106 15.09 -10.70 -22.89
CA LEU D 106 13.65 -10.63 -23.08
C LEU D 106 13.18 -11.76 -23.99
N ASP D 107 11.93 -12.17 -23.80
CA ASP D 107 11.35 -13.24 -24.60
C ASP D 107 9.83 -13.12 -24.48
N ILE D 108 9.14 -13.91 -25.31
CA ILE D 108 7.68 -13.79 -25.42
C ILE D 108 7.02 -13.98 -24.04
N ASN D 109 7.66 -14.71 -23.15
CA ASN D 109 7.14 -14.87 -21.80
C ASN D 109 7.46 -13.66 -20.93
N LYS D 110 8.74 -13.26 -20.88
CA LYS D 110 9.12 -12.18 -19.97
C LYS D 110 8.44 -10.88 -20.35
N THR D 111 8.36 -10.58 -21.65
CA THR D 111 7.67 -9.37 -22.08
C THR D 111 6.20 -9.42 -21.71
N ARG D 112 5.57 -10.59 -21.84
CA ARG D 112 4.16 -10.71 -21.48
C ARG D 112 3.97 -10.55 -19.98
N GLN D 113 4.86 -11.14 -19.18
CA GLN D 113 4.73 -11.02 -17.73
C GLN D 113 4.93 -9.58 -17.28
N ILE D 114 5.93 -8.89 -17.84
CA ILE D 114 6.14 -7.48 -17.51
C ILE D 114 4.93 -6.65 -17.93
N ALA D 115 4.46 -6.85 -19.16
CA ALA D 115 3.33 -6.08 -19.66
C ALA D 115 2.10 -6.28 -18.78
N GLN D 116 1.85 -7.53 -18.36
CA GLN D 116 0.66 -7.78 -17.56
C GLN D 116 0.74 -7.10 -16.20
N GLU D 117 1.94 -6.96 -15.65
CA GLU D 117 2.10 -6.22 -14.40
C GLU D 117 1.64 -4.78 -14.57
N ILE D 118 2.05 -4.14 -15.67
CA ILE D 118 1.64 -2.76 -15.93
C ILE D 118 0.14 -2.69 -16.14
N ILE D 119 -0.42 -3.66 -16.88
CA ILE D 119 -1.85 -3.68 -17.14
C ILE D 119 -2.63 -3.75 -15.83
N LYS D 120 -2.22 -4.63 -14.92
CA LYS D 120 -2.92 -4.73 -13.63
C LYS D 120 -2.88 -3.41 -12.88
N GLY D 121 -1.74 -2.71 -12.92
CA GLY D 121 -1.65 -1.43 -12.25
C GLY D 121 -2.43 -0.33 -12.97
N MET D 122 -2.35 -0.31 -14.30
CA MET D 122 -3.12 0.67 -15.05
C MET D 122 -4.61 0.40 -14.92
N GLY D 123 -5.00 -0.87 -14.96
CA GLY D 123 -6.40 -1.21 -14.79
C GLY D 123 -6.94 -0.76 -13.45
N TYR D 124 -6.14 -0.89 -12.41
CA TYR D 124 -6.56 -0.42 -11.09
C TYR D 124 -6.78 1.08 -11.09
N LEU D 125 -5.81 1.85 -11.60
CA LEU D 125 -5.97 3.30 -11.61
C LEU D 125 -7.23 3.71 -12.36
N HIS D 126 -7.47 3.10 -13.53
CA HIS D 126 -8.67 3.42 -14.28
C HIS D 126 -9.93 3.05 -13.51
N ALA D 127 -9.89 1.93 -12.78
CA ALA D 127 -11.02 1.55 -11.94
C ALA D 127 -11.29 2.61 -10.88
N LYS D 128 -10.25 3.17 -10.29
CA LYS D 128 -10.39 4.28 -9.35
C LYS D 128 -10.66 5.60 -10.06
N GLY D 129 -10.83 5.58 -11.38
CA GLY D 129 -11.11 6.79 -12.14
C GLY D 129 -9.93 7.72 -12.30
N ILE D 130 -8.72 7.17 -12.31
CA ILE D 130 -7.49 7.96 -12.38
C ILE D 130 -6.87 7.71 -13.75
N VAL D 131 -6.81 8.76 -14.58
CA VAL D 131 -6.07 8.71 -15.83
C VAL D 131 -4.61 9.02 -15.53
N HIS D 132 -3.70 8.18 -16.02
CA HIS D 132 -2.28 8.37 -15.71
C HIS D 132 -1.73 9.62 -16.36
N LYS D 133 -2.00 9.80 -17.65
CA LYS D 133 -1.60 10.93 -18.51
C LYS D 133 -0.12 10.92 -18.89
N ASP D 134 0.70 9.98 -18.41
CA ASP D 134 2.12 10.00 -18.75
C ASP D 134 2.71 8.60 -18.59
N LEU D 135 2.01 7.58 -19.10
CA LEU D 135 2.54 6.23 -19.03
C LEU D 135 3.69 6.09 -20.02
N LYS D 136 4.84 5.64 -19.54
CA LYS D 136 5.98 5.41 -20.42
C LYS D 136 6.99 4.55 -19.69
N SER D 137 7.99 4.08 -20.45
CA SER D 137 8.99 3.19 -19.88
C SER D 137 9.81 3.87 -18.79
N LYS D 138 9.95 5.20 -18.85
CA LYS D 138 10.70 5.90 -17.81
C LYS D 138 9.89 6.08 -16.53
N ASN D 139 8.58 5.90 -16.58
CA ASN D 139 7.73 5.93 -15.40
C ASN D 139 7.31 4.53 -14.95
N VAL D 140 8.09 3.50 -15.29
CA VAL D 140 7.87 2.14 -14.82
C VAL D 140 9.20 1.60 -14.32
N PHE D 141 9.19 1.06 -13.10
CA PHE D 141 10.41 0.59 -12.45
C PHE D 141 10.41 -0.93 -12.32
N TYR D 142 11.52 -1.55 -12.75
CA TYR D 142 11.67 -3.00 -12.75
C TYR D 142 12.72 -3.39 -11.72
N ASP D 143 12.39 -4.37 -10.89
CA ASP D 143 13.27 -4.74 -9.78
C ASP D 143 13.16 -6.25 -9.58
N ASN D 144 14.04 -6.99 -10.24
CA ASN D 144 14.11 -8.45 -10.11
C ASN D 144 12.75 -9.09 -10.33
N GLY D 145 12.01 -8.56 -11.29
CA GLY D 145 10.69 -9.09 -11.58
C GLY D 145 9.57 -8.16 -11.17
N LYS D 146 9.76 -7.45 -10.05
CA LYS D 146 8.75 -6.54 -9.55
C LYS D 146 8.62 -5.30 -10.44
N VAL D 147 7.38 -4.99 -10.83
CA VAL D 147 7.08 -3.89 -11.75
C VAL D 147 6.18 -2.90 -11.04
N VAL D 148 6.57 -1.61 -11.05
CA VAL D 148 5.82 -0.56 -10.35
C VAL D 148 5.72 0.66 -11.25
N ILE D 149 4.53 1.27 -11.29
CA ILE D 149 4.23 2.43 -12.13
C ILE D 149 4.33 3.69 -11.28
N THR D 150 4.93 4.74 -11.84
CA THR D 150 5.10 6.00 -11.12
C THR D 150 4.54 7.17 -11.94
N ASP D 151 4.45 8.32 -11.26
CA ASP D 151 4.21 9.62 -11.88
C ASP D 151 2.86 9.71 -12.60
N PHE D 152 1.80 9.28 -11.91
CA PHE D 152 0.46 9.31 -12.46
C PHE D 152 -0.29 10.55 -11.98
N GLY D 153 -1.07 11.14 -12.90
CA GLY D 153 -1.86 12.32 -12.58
C GLY D 153 -1.10 13.63 -12.50
N LEU D 154 -0.01 13.78 -13.26
CA LEU D 154 0.82 14.97 -13.16
C LEU D 154 0.50 16.05 -14.17
N PHE D 155 -0.09 15.70 -15.31
CA PHE D 155 -0.40 16.70 -16.34
C PHE D 155 -1.69 17.44 -16.03
N GLN D 169 6.44 28.54 -28.98
CA GLN D 169 7.17 27.77 -27.97
C GLN D 169 6.55 26.40 -27.74
N LEU D 170 7.31 25.36 -28.07
CA LEU D 170 6.87 23.98 -27.81
C LEU D 170 8.11 23.10 -27.82
N LYS D 171 8.52 22.65 -26.64
CA LYS D 171 9.66 21.74 -26.50
C LYS D 171 9.09 20.33 -26.34
N LEU D 172 9.31 19.49 -27.34
CA LEU D 172 8.74 18.14 -27.38
C LEU D 172 9.86 17.14 -27.60
N SER D 173 10.11 16.31 -26.59
CA SER D 173 11.14 15.30 -26.72
C SER D 173 10.67 14.18 -27.63
N HIS D 174 11.63 13.57 -28.33
CA HIS D 174 11.31 12.42 -29.19
C HIS D 174 10.74 11.27 -28.38
N ASP D 175 11.29 11.02 -27.19
CA ASP D 175 10.79 9.92 -26.37
C ASP D 175 9.32 10.14 -26.01
N TRP D 176 8.94 11.37 -25.66
CA TRP D 176 7.57 11.62 -25.23
C TRP D 176 6.59 11.52 -26.40
N LEU D 177 6.98 11.99 -27.58
CA LEU D 177 6.06 11.96 -28.71
C LEU D 177 5.62 10.54 -29.04
N CYS D 178 6.53 9.58 -28.92
CA CYS D 178 6.24 8.21 -29.29
C CYS D 178 5.15 7.58 -28.44
N TYR D 179 4.83 8.19 -27.30
CA TYR D 179 3.77 7.70 -26.43
C TYR D 179 2.46 8.47 -26.62
N LEU D 180 2.48 9.58 -27.34
CA LEU D 180 1.32 10.46 -27.43
C LEU D 180 0.38 9.99 -28.53
N ALA D 181 -0.91 9.91 -28.19
CA ALA D 181 -1.93 9.49 -29.12
C ALA D 181 -2.21 10.59 -30.12
N PRO D 182 -2.75 10.23 -31.29
CA PRO D 182 -2.97 11.25 -32.34
C PRO D 182 -3.84 12.41 -31.90
N GLU D 183 -4.88 12.13 -31.11
CA GLU D 183 -5.75 13.24 -30.69
C GLU D 183 -5.00 14.23 -29.80
N ILE D 184 -3.99 13.77 -29.05
CA ILE D 184 -3.19 14.68 -28.23
C ILE D 184 -2.27 15.53 -29.11
N VAL D 185 -1.60 14.92 -30.07
CA VAL D 185 -0.66 15.71 -30.88
C VAL D 185 -1.40 16.59 -31.87
N ARG D 186 -2.63 16.23 -32.25
CA ARG D 186 -3.39 17.07 -33.16
C ARG D 186 -3.83 18.37 -32.50
N GLU D 187 -3.94 18.40 -31.16
CA GLU D 187 -4.38 19.58 -30.44
C GLU D 187 -3.23 20.37 -29.82
N MET D 188 -1.99 19.94 -30.05
CA MET D 188 -0.84 20.67 -29.50
C MET D 188 -0.64 21.98 -30.25
N THR D 189 -0.57 23.07 -29.48
CA THR D 189 -0.53 24.42 -30.02
C THR D 189 0.35 25.23 -29.09
N PRO D 190 1.28 26.02 -29.64
CA PRO D 190 2.13 26.86 -28.79
C PRO D 190 1.29 27.87 -28.03
N GLY D 191 1.46 27.90 -26.71
CA GLY D 191 0.74 28.79 -25.83
C GLY D 191 -0.36 28.11 -25.04
N LYS D 192 -0.92 27.02 -25.56
CA LYS D 192 -1.97 26.30 -24.87
C LYS D 192 -1.40 25.44 -23.74
N ASP D 193 -2.01 25.54 -22.57
CA ASP D 193 -1.60 24.69 -21.45
C ASP D 193 -1.95 23.23 -21.74
N GLU D 194 -1.15 22.32 -21.18
CA GLU D 194 -1.43 20.89 -21.30
C GLU D 194 -2.77 20.50 -20.68
N ASP D 195 -3.29 21.30 -19.73
CA ASP D 195 -4.60 21.04 -19.14
C ASP D 195 -5.72 20.91 -20.17
N GLN D 196 -5.52 21.46 -21.38
CA GLN D 196 -6.48 21.34 -22.47
C GLN D 196 -6.21 20.14 -23.38
N LEU D 197 -5.10 19.44 -23.20
CA LEU D 197 -4.82 18.30 -24.07
C LEU D 197 -5.76 17.13 -23.75
N PRO D 198 -6.20 16.38 -24.78
CA PRO D 198 -7.18 15.28 -24.54
C PRO D 198 -6.56 14.03 -23.94
N PHE D 199 -6.15 14.14 -22.68
CA PHE D 199 -5.73 12.96 -21.93
C PHE D 199 -6.94 12.12 -21.54
N SER D 200 -6.77 10.80 -21.56
CA SER D 200 -7.90 9.90 -21.32
C SER D 200 -7.38 8.48 -21.09
N LYS D 201 -8.28 7.61 -20.62
CA LYS D 201 -7.93 6.20 -20.48
C LYS D 201 -7.52 5.61 -21.82
N ALA D 202 -8.23 5.98 -22.89
CA ALA D 202 -7.89 5.47 -24.21
C ALA D 202 -6.51 5.96 -24.66
N ALA D 203 -6.17 7.20 -24.32
CA ALA D 203 -4.80 7.65 -24.54
C ALA D 203 -3.82 6.84 -23.71
N ASP D 204 -4.16 6.51 -22.46
CA ASP D 204 -3.26 5.70 -21.63
C ASP D 204 -2.99 4.37 -22.31
N VAL D 205 -4.02 3.77 -22.90
CA VAL D 205 -3.83 2.52 -23.61
C VAL D 205 -2.88 2.72 -24.78
N TYR D 206 -3.02 3.84 -25.48
CA TYR D 206 -2.10 4.13 -26.57
C TYR D 206 -0.66 4.19 -26.07
N ALA D 207 -0.44 4.88 -24.95
CA ALA D 207 0.91 4.94 -24.38
C ALA D 207 1.40 3.54 -24.02
N PHE D 208 0.51 2.68 -23.52
CA PHE D 208 0.91 1.30 -23.25
C PHE D 208 1.36 0.59 -24.51
N GLY D 209 0.70 0.87 -25.64
CA GLY D 209 1.10 0.26 -26.89
C GLY D 209 2.56 0.52 -27.22
N THR D 210 3.03 1.74 -27.00
CA THR D 210 4.43 2.03 -27.22
C THR D 210 5.31 1.31 -26.20
N VAL D 211 4.87 1.23 -24.95
CA VAL D 211 5.62 0.43 -23.98
C VAL D 211 5.72 -1.00 -24.46
N TRP D 212 4.61 -1.55 -24.96
CA TRP D 212 4.65 -2.88 -25.54
C TRP D 212 5.64 -2.95 -26.70
N TYR D 213 5.73 -1.89 -27.49
CA TYR D 213 6.65 -1.91 -28.61
C TYR D 213 8.09 -1.91 -28.12
N GLU D 214 8.42 -1.07 -27.15
CA GLU D 214 9.76 -1.08 -26.56
C GLU D 214 10.10 -2.46 -26.00
N LEU D 215 9.11 -3.20 -25.48
CA LEU D 215 9.37 -4.54 -25.01
C LEU D 215 9.71 -5.50 -26.15
N GLN D 216 9.26 -5.21 -27.37
CA GLN D 216 9.53 -6.07 -28.51
C GLN D 216 10.80 -5.67 -29.24
N ALA D 217 10.98 -4.37 -29.50
CA ALA D 217 12.06 -3.91 -30.36
C ALA D 217 13.21 -3.27 -29.59
N ARG D 218 13.04 -3.02 -28.29
CA ARG D 218 14.07 -2.39 -27.46
C ARG D 218 14.49 -1.03 -28.03
N ASP D 219 13.53 -0.32 -28.62
CA ASP D 219 13.84 0.97 -29.23
C ASP D 219 12.53 1.72 -29.45
N TRP D 220 12.66 2.99 -29.84
CA TRP D 220 11.48 3.79 -30.12
C TRP D 220 10.82 3.33 -31.42
N PRO D 221 9.51 3.52 -31.56
CA PRO D 221 8.84 3.08 -32.79
C PRO D 221 9.14 3.96 -34.00
N LEU D 222 9.38 5.25 -33.81
CA LEU D 222 9.67 6.16 -34.91
C LEU D 222 11.14 6.53 -34.91
N LYS D 223 11.74 6.56 -36.10
CA LYS D 223 13.14 6.96 -36.20
C LYS D 223 13.31 8.38 -35.67
N ASN D 224 14.50 8.66 -35.16
CA ASN D 224 14.78 10.00 -34.66
C ASN D 224 14.80 10.98 -35.83
N GLN D 225 13.94 11.99 -35.75
CA GLN D 225 13.71 12.92 -36.84
C GLN D 225 13.20 14.23 -36.25
N ALA D 226 12.89 15.17 -37.14
CA ALA D 226 12.39 16.46 -36.66
C ALA D 226 11.05 16.28 -35.96
N ALA D 227 10.87 17.01 -34.86
CA ALA D 227 9.62 16.88 -34.11
C ALA D 227 8.42 17.18 -34.97
N GLU D 228 8.59 18.07 -35.97
CA GLU D 228 7.51 18.39 -36.87
C GLU D 228 7.08 17.18 -37.68
N ALA D 229 8.04 16.43 -38.21
CA ALA D 229 7.70 15.22 -38.97
C ALA D 229 7.01 14.20 -38.08
N SER D 230 7.48 14.07 -36.84
CA SER D 230 6.82 13.13 -35.93
C SER D 230 5.40 13.59 -35.63
N ILE D 231 5.18 14.90 -35.51
CA ILE D 231 3.83 15.38 -35.18
C ILE D 231 2.85 15.00 -36.28
N TRP D 232 3.23 15.18 -37.54
CA TRP D 232 2.32 14.81 -38.61
C TRP D 232 2.17 13.30 -38.74
N GLN D 233 3.28 12.56 -38.61
CA GLN D 233 3.20 11.11 -38.78
C GLN D 233 2.35 10.48 -37.70
N ILE D 234 2.36 11.04 -36.50
CA ILE D 234 1.53 10.53 -35.42
C ILE D 234 0.10 11.04 -35.55
N GLY D 235 -0.07 12.34 -35.80
CA GLY D 235 -1.41 12.90 -35.88
C GLY D 235 -2.22 12.37 -37.04
N SER D 236 -1.56 12.04 -38.14
CA SER D 236 -2.26 11.50 -39.30
C SER D 236 -2.48 10.00 -39.22
N GLY D 237 -1.87 9.33 -38.24
CA GLY D 237 -1.97 7.89 -38.12
C GLY D 237 -1.09 7.11 -39.07
N GLU D 238 -0.46 7.78 -40.05
CA GLU D 238 0.36 7.08 -41.03
C GLU D 238 1.66 6.56 -40.43
N GLY D 239 2.15 7.18 -39.35
CA GLY D 239 3.35 6.71 -38.71
C GLY D 239 3.25 5.29 -38.17
N MET D 240 2.35 5.05 -37.21
CA MET D 240 2.28 3.71 -36.63
C MET D 240 1.81 2.70 -37.66
N LYS D 241 1.05 3.15 -38.66
CA LYS D 241 0.66 2.26 -39.74
C LYS D 241 1.88 1.72 -40.47
N ARG D 242 2.84 2.60 -40.79
CA ARG D 242 4.07 2.14 -41.43
C ARG D 242 4.90 1.28 -40.48
N VAL D 243 4.92 1.64 -39.20
CA VAL D 243 5.61 0.82 -38.22
C VAL D 243 5.08 -0.61 -38.24
N LEU D 244 3.76 -0.76 -38.09
CA LEU D 244 3.17 -2.10 -38.07
C LEU D 244 3.42 -2.84 -39.37
N THR D 245 3.38 -2.12 -40.49
CA THR D 245 3.59 -2.74 -41.79
C THR D 245 5.03 -3.19 -41.95
N SER D 246 5.96 -2.23 -41.93
CA SER D 246 7.35 -2.54 -42.23
C SER D 246 7.93 -3.52 -41.22
N VAL D 247 7.62 -3.35 -39.93
CA VAL D 247 8.25 -4.20 -38.92
C VAL D 247 7.80 -5.64 -39.12
N SER D 248 8.69 -6.57 -38.79
CA SER D 248 8.36 -7.99 -38.81
C SER D 248 8.19 -8.46 -37.36
N LEU D 249 7.07 -8.09 -36.77
CA LEU D 249 6.65 -8.60 -35.48
C LEU D 249 5.56 -9.64 -35.65
N GLY D 250 5.45 -10.55 -34.68
CA GLY D 250 4.47 -11.59 -34.74
C GLY D 250 3.05 -11.10 -34.96
N LYS D 251 2.21 -11.92 -35.62
CA LYS D 251 0.83 -11.53 -35.85
C LYS D 251 0.11 -11.24 -34.53
N GLU D 252 0.33 -12.09 -33.53
CA GLU D 252 -0.28 -11.89 -32.22
C GLU D 252 0.31 -10.67 -31.52
N VAL D 253 1.65 -10.55 -31.50
CA VAL D 253 2.28 -9.38 -30.89
C VAL D 253 1.85 -8.11 -31.60
N SER D 254 1.80 -8.14 -32.94
CA SER D 254 1.40 -6.95 -33.67
C SER D 254 -0.07 -6.62 -33.44
N GLU D 255 -0.92 -7.65 -33.27
CA GLU D 255 -2.34 -7.38 -33.01
C GLU D 255 -2.52 -6.57 -31.74
N ILE D 256 -1.72 -6.85 -30.70
CA ILE D 256 -1.74 -6.02 -29.50
C ILE D 256 -1.43 -4.58 -29.87
N LEU D 257 -0.39 -4.37 -30.69
CA LEU D 257 0.00 -3.02 -31.06
C LEU D 257 -1.08 -2.33 -31.88
N SER D 258 -1.66 -3.05 -32.84
CA SER D 258 -2.66 -2.45 -33.70
C SER D 258 -3.88 -2.03 -32.88
N ALA D 259 -4.23 -2.82 -31.88
CA ALA D 259 -5.36 -2.47 -31.02
C ALA D 259 -5.07 -1.25 -30.17
N CYS D 260 -3.87 -1.20 -29.56
CA CYS D 260 -3.53 -0.09 -28.68
C CYS D 260 -3.33 1.21 -29.46
N TRP D 261 -2.70 1.12 -30.63
CA TRP D 261 -2.37 2.28 -31.44
C TRP D 261 -3.52 2.72 -32.35
N ALA D 262 -4.74 2.24 -32.09
CA ALA D 262 -5.85 2.50 -32.99
C ALA D 262 -6.06 3.99 -33.18
N PHE D 263 -6.19 4.40 -34.45
CA PHE D 263 -6.35 5.81 -34.75
C PHE D 263 -7.61 6.37 -34.09
N ASP D 264 -8.73 5.67 -34.23
CA ASP D 264 -9.96 6.02 -33.50
C ASP D 264 -9.81 5.55 -32.05
N LEU D 265 -9.78 6.50 -31.12
CA LEU D 265 -9.56 6.14 -29.71
C LEU D 265 -10.66 5.23 -29.18
N GLN D 266 -11.88 5.35 -29.73
CA GLN D 266 -12.98 4.48 -29.30
C GLN D 266 -12.74 3.02 -29.66
N GLU D 267 -11.83 2.74 -30.58
CA GLU D 267 -11.53 1.37 -30.97
C GLU D 267 -10.42 0.74 -30.14
N ARG D 268 -9.69 1.54 -29.36
CA ARG D 268 -8.67 0.97 -28.47
C ARG D 268 -9.33 0.16 -27.35
N PRO D 269 -8.74 -0.95 -26.95
CA PRO D 269 -9.29 -1.75 -25.86
C PRO D 269 -9.09 -1.10 -24.51
N SER D 270 -9.75 -1.68 -23.51
CA SER D 270 -9.47 -1.32 -22.13
C SER D 270 -8.34 -2.20 -21.60
N PHE D 271 -7.75 -1.78 -20.47
CA PHE D 271 -6.70 -2.59 -19.87
C PHE D 271 -7.24 -3.92 -19.37
N SER D 272 -8.46 -3.94 -18.80
CA SER D 272 -9.03 -5.21 -18.42
C SER D 272 -9.13 -6.16 -19.63
N LEU D 273 -9.39 -5.60 -20.80
CA LEU D 273 -9.45 -6.42 -22.00
C LEU D 273 -8.05 -6.78 -22.49
N LEU D 274 -7.11 -5.83 -22.37
CA LEU D 274 -5.72 -6.11 -22.69
C LEU D 274 -5.16 -7.26 -21.86
N MET D 275 -5.62 -7.39 -20.61
CA MET D 275 -5.16 -8.51 -19.79
C MET D 275 -5.43 -9.84 -20.49
N ASP D 276 -6.67 -10.05 -20.96
CA ASP D 276 -7.00 -11.30 -21.63
C ASP D 276 -6.28 -11.43 -22.97
N MET D 277 -6.06 -10.30 -23.64
CA MET D 277 -5.36 -10.35 -24.92
C MET D 277 -3.91 -10.75 -24.73
N LEU D 278 -3.27 -10.23 -23.69
CA LEU D 278 -1.90 -10.65 -23.38
C LEU D 278 -1.85 -12.09 -22.92
N GLU D 279 -2.86 -12.53 -22.14
CA GLU D 279 -2.83 -13.87 -21.58
C GLU D 279 -2.87 -14.95 -22.67
N LYS D 280 -3.55 -14.68 -23.78
CA LYS D 280 -3.72 -15.64 -24.86
C LYS D 280 -2.65 -15.52 -25.94
N LEU D 281 -1.38 -15.07 -25.57
CA LEU D 281 -0.29 -14.97 -26.54
C LEU D 281 0.59 -16.20 -26.49
N PRO D 282 1.20 -16.57 -27.64
CA PRO D 282 2.07 -17.75 -27.71
C PRO D 282 3.25 -17.70 -26.72
#